data_2CGE
#
_entry.id   2CGE
#
_cell.length_a   105.555
_cell.length_b   105.555
_cell.length_c   289.315
_cell.angle_alpha   90.00
_cell.angle_beta   90.00
_cell.angle_gamma   90.00
#
_symmetry.space_group_name_H-M   'P 43 21 2'
#
_entity_poly.entity_id   1
_entity_poly.type   'polypeptide(L)'
_entity_poly.pdbx_seq_one_letter_code
;TKPLWTRNPSDITQEEYNAFYKSISNDWEDPLYVKHFSVEGQLEFRAILFIPKRAPFDLFESKKKKNNIKLYVRRVFITD
EAEDLIPEWLSFVKGVVDSEDLPLNLSREMLQQNKIMKVIRKNIVKKLIEAFNEIAEDSEQFEKFYSAFSKNIKLGVHED
TQNRAALAKLLRYNSTKSVDELTSLTDYVTRMPEHQKNIYYITGESLKAVEKSPFLDALKAKNFEVLFLTDPIDEYAFTQ
LKEFEGKTLVDITKDFELEETDEEKAEREKEIKEYEPLTKALKEILGDQVEKVVVSYKLLDAPAAIRTGQFGWSANMERI
MKAQALRDSSMSSYMSSKKTFEISPKSPIIKELKKRVDEGGAQDKTVKDLTKLLYETALLTSGFSLDEPTSFASRINRLI
SLGLN
;
_entity_poly.pdbx_strand_id   A,B,D
#
# COMPACT_ATOMS: atom_id res chain seq x y z
N THR A 1 -12.53 -27.89 -2.54
CA THR A 1 -12.20 -26.42 -2.70
C THR A 1 -10.91 -26.18 -3.51
N LYS A 2 -11.00 -25.51 -4.66
CA LYS A 2 -9.83 -25.41 -5.53
C LYS A 2 -9.69 -24.05 -6.18
N PRO A 3 -8.47 -23.50 -6.19
CA PRO A 3 -8.27 -22.09 -6.58
C PRO A 3 -8.79 -21.83 -7.97
N LEU A 4 -9.39 -20.68 -8.15
CA LEU A 4 -10.20 -20.50 -9.33
C LEU A 4 -9.42 -20.78 -10.57
N TRP A 5 -8.15 -20.34 -10.56
CA TRP A 5 -7.34 -20.44 -11.76
C TRP A 5 -6.95 -21.86 -12.12
N THR A 6 -6.96 -22.78 -11.16
CA THR A 6 -6.79 -24.19 -11.50
C THR A 6 -8.01 -24.79 -12.22
N ARG A 7 -9.22 -24.29 -11.96
CA ARG A 7 -10.44 -24.84 -12.64
C ARG A 7 -10.51 -24.58 -14.17
N ASN A 8 -11.43 -25.25 -14.83
CA ASN A 8 -11.56 -25.12 -16.29
C ASN A 8 -12.48 -23.93 -16.68
N PRO A 9 -11.96 -22.96 -17.51
CA PRO A 9 -12.72 -21.75 -17.93
C PRO A 9 -14.15 -22.03 -18.35
N SER A 10 -14.36 -23.13 -19.03
CA SER A 10 -15.72 -23.46 -19.49
C SER A 10 -16.65 -23.83 -18.32
N ASP A 11 -16.15 -23.71 -17.10
CA ASP A 11 -16.75 -24.36 -15.95
C ASP A 11 -16.74 -23.42 -14.72
N ILE A 12 -16.16 -22.26 -14.95
CA ILE A 12 -16.29 -21.07 -14.08
C ILE A 12 -17.32 -20.20 -14.76
N THR A 13 -18.28 -19.75 -13.96
CA THR A 13 -19.27 -18.78 -14.40
C THR A 13 -18.63 -17.37 -14.46
N GLN A 14 -19.28 -16.42 -15.14
CA GLN A 14 -18.97 -14.98 -15.00
C GLN A 14 -19.34 -14.78 -13.53
N GLU A 15 -19.30 -13.58 -12.98
CA GLU A 15 -19.72 -13.48 -11.55
C GLU A 15 -18.63 -14.01 -10.64
N GLU A 16 -18.23 -15.26 -10.83
CA GLU A 16 -17.03 -15.73 -10.21
C GLU A 16 -15.82 -14.89 -10.66
N TYR A 17 -15.67 -14.67 -11.97
CA TYR A 17 -14.51 -13.93 -12.46
C TYR A 17 -14.64 -12.50 -12.03
N ASN A 18 -15.89 -12.05 -12.07
CA ASN A 18 -16.25 -10.69 -11.72
C ASN A 18 -15.85 -10.37 -10.29
N ALA A 19 -16.26 -11.22 -9.38
CA ALA A 19 -15.85 -11.07 -8.01
C ALA A 19 -14.36 -11.25 -7.80
N PHE A 20 -13.73 -12.07 -8.63
CA PHE A 20 -12.32 -12.33 -8.40
C PHE A 20 -11.61 -11.08 -8.82
N TYR A 21 -12.02 -10.56 -9.99
CA TYR A 21 -11.49 -9.31 -10.51
C TYR A 21 -11.60 -8.24 -9.45
N LYS A 22 -12.80 -8.07 -8.91
CA LYS A 22 -13.08 -6.99 -7.98
C LYS A 22 -12.18 -7.03 -6.77
N SER A 23 -11.84 -8.23 -6.36
CA SER A 23 -11.17 -8.41 -5.11
C SER A 23 -9.74 -8.07 -5.28
N ILE A 24 -9.28 -8.04 -6.51
CA ILE A 24 -7.86 -7.91 -6.85
C ILE A 24 -7.54 -6.52 -7.40
N SER A 25 -8.57 -5.72 -7.63
CA SER A 25 -8.44 -4.61 -8.56
C SER A 25 -8.84 -3.26 -8.00
N ASN A 26 -9.68 -3.25 -6.98
CA ASN A 26 -10.30 -1.99 -6.62
C ASN A 26 -10.97 -1.26 -7.80
N ASP A 27 -11.56 -2.00 -8.73
CA ASP A 27 -12.36 -1.41 -9.80
C ASP A 27 -13.83 -1.65 -9.42
N TRP A 28 -14.66 -0.63 -9.55
CA TRP A 28 -16.02 -0.77 -9.10
C TRP A 28 -16.77 -1.44 -10.21
N GLU A 29 -16.18 -1.36 -11.39
CA GLU A 29 -16.81 -1.81 -12.60
C GLU A 29 -16.39 -3.24 -12.95
N ASP A 30 -17.18 -3.99 -13.71
CA ASP A 30 -16.74 -5.33 -14.09
C ASP A 30 -15.58 -5.30 -15.11
N PRO A 31 -14.91 -6.43 -15.33
CA PRO A 31 -13.76 -6.29 -16.21
C PRO A 31 -14.22 -6.33 -17.64
N LEU A 32 -13.49 -5.66 -18.54
CA LEU A 32 -13.90 -5.61 -19.96
C LEU A 32 -13.84 -6.98 -20.67
N TYR A 33 -12.77 -7.75 -20.38
CA TYR A 33 -12.47 -9.04 -20.96
C TYR A 33 -11.65 -9.82 -19.95
N VAL A 34 -11.96 -11.12 -19.82
CA VAL A 34 -11.19 -12.02 -18.98
C VAL A 34 -10.52 -13.11 -19.81
N LYS A 35 -9.20 -13.13 -19.88
CA LYS A 35 -8.44 -14.15 -20.63
C LYS A 35 -7.86 -15.11 -19.63
N HIS A 36 -8.38 -16.33 -19.66
CA HIS A 36 -8.04 -17.36 -18.69
C HIS A 36 -7.56 -18.60 -19.39
N PHE A 37 -6.27 -18.87 -19.38
CA PHE A 37 -5.68 -19.95 -20.17
C PHE A 37 -4.68 -20.81 -19.42
N SER A 38 -4.24 -21.90 -20.03
CA SER A 38 -3.16 -22.64 -19.45
C SER A 38 -2.15 -23.02 -20.53
N VAL A 39 -0.86 -22.92 -20.24
CA VAL A 39 0.19 -23.41 -21.12
C VAL A 39 0.56 -24.79 -20.59
N GLU A 40 0.98 -25.66 -21.49
CA GLU A 40 1.60 -26.92 -21.13
C GLU A 40 2.72 -27.21 -22.12
N GLY A 41 3.51 -28.21 -21.82
CA GLY A 41 4.67 -28.45 -22.63
C GLY A 41 6.01 -28.36 -21.90
N GLN A 42 6.95 -27.72 -22.57
CA GLN A 42 8.28 -27.41 -22.03
C GLN A 42 8.01 -26.84 -20.65
N LEU A 43 7.26 -25.75 -20.60
CA LEU A 43 6.92 -25.13 -19.32
C LEU A 43 5.43 -25.10 -19.10
N GLU A 44 5.01 -25.01 -17.85
CA GLU A 44 3.59 -25.10 -17.53
C GLU A 44 3.15 -24.04 -16.61
N PHE A 45 2.09 -23.34 -17.00
CA PHE A 45 1.37 -22.53 -16.03
C PHE A 45 -0.05 -22.34 -16.41
N ARG A 46 -0.82 -21.80 -15.48
CA ARG A 46 -2.19 -21.37 -15.70
C ARG A 46 -2.23 -19.88 -15.41
N ALA A 47 -3.19 -19.15 -15.95
CA ALA A 47 -3.29 -17.70 -15.65
C ALA A 47 -4.71 -17.16 -15.85
N ILE A 48 -5.04 -16.07 -15.16
CA ILE A 48 -6.30 -15.40 -15.43
C ILE A 48 -5.92 -13.95 -15.49
N LEU A 49 -5.99 -13.35 -16.65
CA LEU A 49 -5.53 -11.99 -16.73
C LEU A 49 -6.76 -11.21 -17.02
N PHE A 50 -6.88 -9.97 -16.58
CA PHE A 50 -8.11 -9.25 -16.83
C PHE A 50 -7.82 -7.95 -17.55
N ILE A 51 -8.70 -7.59 -18.46
CA ILE A 51 -8.61 -6.33 -19.12
C ILE A 51 -9.70 -5.45 -18.55
N PRO A 52 -9.32 -4.32 -17.96
CA PRO A 52 -10.24 -3.35 -17.40
C PRO A 52 -10.98 -2.64 -18.50
N LYS A 53 -12.12 -2.01 -18.17
CA LYS A 53 -12.85 -1.17 -19.15
C LYS A 53 -12.12 0.15 -19.41
N ARG A 54 -11.46 0.63 -18.37
CA ARG A 54 -10.87 1.92 -18.40
C ARG A 54 -9.54 1.80 -17.76
N ALA A 55 -8.61 2.66 -18.15
CA ALA A 55 -7.25 2.61 -17.61
C ALA A 55 -7.27 2.87 -16.14
N PRO A 56 -6.70 1.95 -15.34
CA PRO A 56 -6.56 2.10 -13.89
C PRO A 56 -5.57 3.20 -13.53
N PHE A 57 -4.79 3.65 -14.49
CA PHE A 57 -3.81 4.71 -14.37
C PHE A 57 -3.25 4.79 -15.80
N ASP A 58 -2.51 5.81 -16.19
CA ASP A 58 -1.90 5.69 -17.51
C ASP A 58 -0.41 5.71 -17.48
N LEU A 59 0.25 4.98 -18.40
CA LEU A 59 1.71 5.08 -18.53
C LEU A 59 2.01 6.47 -19.02
N PHE A 60 3.19 7.01 -18.75
CA PHE A 60 3.44 8.47 -18.89
C PHE A 60 2.36 9.29 -18.15
N GLU A 61 2.75 10.27 -17.35
CA GLU A 61 1.72 10.96 -16.55
C GLU A 61 1.36 10.01 -15.46
N SER A 62 0.33 10.29 -14.71
CA SER A 62 -0.18 9.17 -13.90
C SER A 62 0.92 8.38 -13.21
N LYS A 63 1.74 9.04 -12.37
CA LYS A 63 2.69 8.36 -11.51
C LYS A 63 3.38 7.22 -12.22
N LYS A 64 3.68 6.10 -11.53
CA LYS A 64 4.26 4.85 -12.19
C LYS A 64 4.53 3.61 -11.32
N LYS A 65 3.53 2.72 -11.15
CA LYS A 65 3.69 1.63 -10.16
C LYS A 65 4.03 0.37 -10.88
N LYS A 66 4.61 -0.55 -10.13
CA LYS A 66 4.84 -1.87 -10.68
C LYS A 66 3.58 -2.71 -10.73
N ASN A 67 3.67 -3.66 -11.64
CA ASN A 67 2.53 -4.47 -11.94
C ASN A 67 2.26 -5.28 -10.74
N ASN A 68 1.00 -5.63 -10.55
CA ASN A 68 0.67 -6.31 -9.33
C ASN A 68 -0.03 -7.64 -9.57
N ILE A 69 0.19 -8.23 -10.73
CA ILE A 69 -0.28 -9.58 -10.94
C ILE A 69 0.28 -10.60 -9.88
N LYS A 70 -0.60 -11.38 -9.28
CA LYS A 70 -0.23 -12.32 -8.23
C LYS A 70 0.55 -13.50 -8.73
N LEU A 71 1.84 -13.55 -8.47
CA LEU A 71 2.60 -14.66 -8.95
C LEU A 71 2.59 -15.79 -8.00
N TYR A 72 2.06 -16.91 -8.45
CA TYR A 72 2.14 -18.13 -7.65
C TYR A 72 3.10 -19.20 -8.19
N VAL A 73 3.70 -20.01 -7.32
CA VAL A 73 4.34 -21.21 -7.83
C VAL A 73 3.95 -22.46 -7.11
N ARG A 74 3.54 -23.44 -7.90
CA ARG A 74 2.91 -24.66 -7.42
C ARG A 74 1.75 -24.37 -6.44
N ARG A 75 0.96 -23.35 -6.76
CA ARG A 75 -0.30 -23.03 -6.06
C ARG A 75 -0.06 -22.33 -4.72
N VAL A 76 1.16 -21.80 -4.55
CA VAL A 76 1.59 -21.12 -3.33
C VAL A 76 1.91 -19.66 -3.63
N PHE A 77 1.24 -18.76 -2.94
CA PHE A 77 1.47 -17.35 -3.25
C PHE A 77 2.92 -16.93 -3.06
N ILE A 78 3.57 -16.34 -4.05
CA ILE A 78 4.94 -15.86 -3.79
C ILE A 78 5.10 -14.35 -3.65
N THR A 79 4.52 -13.62 -4.59
CA THR A 79 4.67 -12.18 -4.63
C THR A 79 3.75 -11.50 -5.64
N ASP A 80 3.35 -10.27 -5.35
CA ASP A 80 2.67 -9.52 -6.35
C ASP A 80 3.54 -8.33 -6.76
N GLU A 81 4.83 -8.53 -6.66
CA GLU A 81 5.78 -7.56 -7.20
C GLU A 81 6.79 -8.32 -8.10
N ALA A 82 6.26 -9.19 -8.94
CA ALA A 82 7.07 -10.05 -9.82
C ALA A 82 8.09 -9.29 -10.63
N GLU A 83 9.30 -9.88 -10.65
CA GLU A 83 10.44 -9.33 -11.35
C GLU A 83 10.24 -9.78 -12.81
N ASP A 84 9.97 -8.83 -13.74
CA ASP A 84 9.89 -9.13 -15.21
C ASP A 84 8.90 -10.25 -15.70
N LEU A 85 7.72 -10.35 -15.08
CA LEU A 85 6.66 -11.23 -15.53
C LEU A 85 5.87 -10.63 -16.68
N ILE A 86 5.91 -9.32 -16.82
CA ILE A 86 5.13 -8.66 -17.86
C ILE A 86 5.74 -7.31 -18.21
N PRO A 87 5.66 -6.88 -19.46
CA PRO A 87 6.34 -5.63 -19.86
C PRO A 87 5.58 -4.38 -19.51
N GLU A 88 6.30 -3.28 -19.33
CA GLU A 88 5.67 -2.02 -18.93
C GLU A 88 4.46 -1.66 -19.79
N TRP A 89 4.55 -1.89 -21.09
CA TRP A 89 3.42 -1.51 -21.89
C TRP A 89 2.13 -2.34 -21.55
N LEU A 90 2.25 -3.33 -20.67
CA LEU A 90 1.06 -4.07 -20.22
C LEU A 90 0.85 -3.94 -18.72
N SER A 91 1.45 -2.91 -18.11
CA SER A 91 1.34 -2.80 -16.65
C SER A 91 -0.11 -2.74 -16.12
N PHE A 92 -1.03 -2.34 -16.97
CA PHE A 92 -2.41 -2.23 -16.56
C PHE A 92 -3.09 -3.57 -16.36
N VAL A 93 -2.42 -4.66 -16.73
CA VAL A 93 -3.11 -5.93 -16.71
C VAL A 93 -3.25 -6.44 -15.30
N LYS A 94 -4.37 -7.09 -14.99
CA LYS A 94 -4.50 -7.63 -13.63
C LYS A 94 -4.79 -9.10 -13.56
N GLY A 95 -4.40 -9.75 -12.48
CA GLY A 95 -4.70 -11.20 -12.33
C GLY A 95 -3.71 -12.07 -11.58
N VAL A 96 -3.67 -13.33 -11.99
CA VAL A 96 -2.86 -14.39 -11.34
C VAL A 96 -2.13 -15.20 -12.34
N VAL A 97 -0.90 -15.54 -12.02
CA VAL A 97 -0.11 -16.49 -12.82
C VAL A 97 0.47 -17.50 -11.88
N ASP A 98 0.16 -18.78 -12.09
CA ASP A 98 0.62 -19.83 -11.23
C ASP A 98 1.57 -20.75 -11.96
N SER A 99 2.91 -20.60 -11.79
CA SER A 99 3.96 -21.45 -12.44
C SER A 99 4.20 -22.84 -11.78
N GLU A 100 4.45 -23.88 -12.58
CA GLU A 100 4.84 -25.14 -12.01
C GLU A 100 6.37 -25.29 -11.93
N ASP A 101 7.15 -24.45 -12.65
CA ASP A 101 8.59 -24.68 -12.81
C ASP A 101 9.50 -23.67 -12.18
N LEU A 102 9.00 -22.48 -11.86
CA LEU A 102 9.82 -21.49 -11.14
C LEU A 102 10.43 -22.08 -9.87
N PRO A 103 11.76 -22.01 -9.74
CA PRO A 103 12.42 -22.43 -8.51
C PRO A 103 12.27 -21.42 -7.38
N LEU A 104 12.11 -21.92 -6.16
CA LEU A 104 12.09 -21.08 -4.98
C LEU A 104 13.43 -21.08 -4.24
N ASN A 105 13.81 -19.96 -3.61
CA ASN A 105 15.03 -19.93 -2.76
C ASN A 105 16.30 -20.38 -3.44
N LEU A 106 16.47 -19.86 -4.65
CA LEU A 106 17.68 -20.09 -5.39
C LEU A 106 18.46 -18.81 -5.42
N SER A 107 19.78 -18.91 -5.22
CA SER A 107 20.59 -17.75 -5.42
C SER A 107 20.19 -17.06 -6.70
N ARG A 108 20.37 -15.76 -6.69
CA ARG A 108 20.10 -14.92 -7.82
C ARG A 108 21.20 -15.16 -8.84
N GLU A 109 22.23 -15.88 -8.45
CA GLU A 109 23.25 -16.29 -9.40
C GLU A 109 22.67 -17.28 -10.38
N MET A 110 21.69 -18.05 -9.97
CA MET A 110 21.11 -19.00 -10.88
C MET A 110 20.23 -18.34 -11.91
N LEU A 111 20.76 -18.02 -13.07
CA LEU A 111 19.92 -17.37 -14.05
C LEU A 111 18.86 -18.27 -14.76
N GLN A 112 18.84 -19.60 -14.52
CA GLN A 112 17.81 -20.47 -15.11
C GLN A 112 16.47 -19.81 -14.79
N GLN A 113 16.39 -19.23 -13.59
CA GLN A 113 15.12 -18.72 -13.13
C GLN A 113 14.65 -17.53 -13.93
N ASN A 114 15.53 -16.59 -14.23
CA ASN A 114 15.18 -15.49 -15.13
C ASN A 114 14.71 -15.95 -16.52
N LYS A 115 15.46 -16.86 -17.13
CA LYS A 115 15.06 -17.45 -18.39
C LYS A 115 13.65 -18.03 -18.30
N ILE A 116 13.33 -18.84 -17.29
CA ILE A 116 11.99 -19.38 -17.14
C ILE A 116 10.99 -18.27 -17.03
N MET A 117 11.29 -17.25 -16.23
CA MET A 117 10.41 -16.10 -16.11
C MET A 117 10.26 -15.45 -17.48
N LYS A 118 11.33 -15.43 -18.26
CA LYS A 118 11.30 -14.73 -19.50
C LYS A 118 10.40 -15.44 -20.52
N VAL A 119 10.26 -16.75 -20.41
CA VAL A 119 9.36 -17.45 -21.33
C VAL A 119 7.95 -17.49 -20.80
N ILE A 120 7.79 -17.42 -19.48
CA ILE A 120 6.44 -17.21 -18.98
C ILE A 120 5.96 -15.85 -19.52
N ARG A 121 6.79 -14.83 -19.44
CA ARG A 121 6.35 -13.52 -19.84
C ARG A 121 5.97 -13.52 -21.32
N LYS A 122 6.77 -14.19 -22.13
CA LYS A 122 6.61 -14.08 -23.55
C LYS A 122 5.25 -14.64 -23.95
N ASN A 123 4.87 -15.74 -23.31
CA ASN A 123 3.61 -16.39 -23.47
C ASN A 123 2.45 -15.51 -23.12
N ILE A 124 2.44 -14.94 -21.91
CA ILE A 124 1.43 -13.97 -21.47
C ILE A 124 1.19 -13.03 -22.62
N VAL A 125 2.25 -12.35 -23.08
CA VAL A 125 2.11 -11.32 -24.11
C VAL A 125 1.39 -11.89 -25.34
N LYS A 126 1.78 -13.08 -25.76
CA LYS A 126 1.13 -13.78 -26.86
C LYS A 126 -0.35 -13.84 -26.52
N LYS A 127 -0.67 -14.48 -25.42
CA LYS A 127 -2.05 -14.70 -25.08
C LYS A 127 -2.79 -13.36 -24.99
N LEU A 128 -2.13 -12.31 -24.56
CA LEU A 128 -2.88 -11.09 -24.44
C LEU A 128 -3.21 -10.47 -25.78
N ILE A 129 -2.26 -10.55 -26.70
CA ILE A 129 -2.48 -10.10 -28.07
C ILE A 129 -3.66 -10.89 -28.66
N GLU A 130 -3.60 -12.21 -28.57
CA GLU A 130 -4.73 -13.07 -28.89
C GLU A 130 -6.01 -12.56 -28.29
N ALA A 131 -5.99 -12.10 -27.05
CA ALA A 131 -7.21 -11.49 -26.47
C ALA A 131 -7.59 -10.20 -27.16
N PHE A 132 -6.64 -9.29 -27.38
CA PHE A 132 -6.99 -8.02 -28.05
C PHE A 132 -7.60 -8.24 -29.44
N ASN A 133 -7.00 -9.15 -30.18
CA ASN A 133 -7.49 -9.53 -31.45
C ASN A 133 -8.94 -10.05 -31.39
N GLU A 134 -9.30 -10.71 -30.29
CA GLU A 134 -10.69 -11.15 -30.00
C GLU A 134 -11.63 -9.99 -29.62
N ILE A 135 -11.11 -9.02 -28.88
CA ILE A 135 -11.86 -7.83 -28.54
C ILE A 135 -12.08 -7.07 -29.82
N ALA A 136 -11.03 -6.86 -30.62
CA ALA A 136 -11.21 -6.24 -31.92
C ALA A 136 -12.47 -6.74 -32.69
N GLU A 137 -12.86 -8.00 -32.50
CA GLU A 137 -14.01 -8.56 -33.21
C GLU A 137 -15.29 -7.82 -32.87
N ASP A 138 -15.39 -7.31 -31.66
CA ASP A 138 -16.59 -6.60 -31.27
C ASP A 138 -16.30 -5.11 -31.36
N SER A 139 -17.10 -4.42 -32.14
CA SER A 139 -16.87 -2.98 -32.35
C SER A 139 -17.00 -2.18 -31.05
N GLU A 140 -18.14 -2.31 -30.38
CA GLU A 140 -18.38 -1.61 -29.11
C GLU A 140 -17.29 -1.97 -28.09
N GLN A 141 -16.98 -3.26 -27.93
CA GLN A 141 -16.01 -3.74 -26.92
C GLN A 141 -14.72 -3.07 -27.24
N PHE A 142 -14.27 -3.17 -28.48
CA PHE A 142 -13.00 -2.58 -28.87
C PHE A 142 -12.99 -1.07 -28.73
N GLU A 143 -14.10 -0.41 -29.03
CA GLU A 143 -14.15 1.02 -28.86
C GLU A 143 -13.57 1.41 -27.50
N LYS A 144 -13.95 0.68 -26.44
CA LYS A 144 -13.50 1.08 -25.09
C LYS A 144 -12.08 0.67 -24.84
N PHE A 145 -11.78 -0.57 -25.21
CA PHE A 145 -10.40 -1.03 -25.14
C PHE A 145 -9.42 -0.04 -25.78
N TYR A 146 -9.69 0.38 -27.01
CA TYR A 146 -8.79 1.26 -27.71
C TYR A 146 -8.73 2.61 -27.00
N SER A 147 -9.89 3.05 -26.55
CA SER A 147 -10.00 4.36 -26.03
C SER A 147 -9.13 4.48 -24.78
N ALA A 148 -8.91 3.33 -24.14
CA ALA A 148 -8.17 3.26 -22.90
C ALA A 148 -6.73 2.84 -23.10
N PHE A 149 -6.45 2.06 -24.12
CA PHE A 149 -5.17 1.40 -24.13
C PHE A 149 -4.32 1.59 -25.35
N SER A 150 -4.73 2.56 -26.17
CA SER A 150 -4.09 2.87 -27.44
C SER A 150 -2.59 3.12 -27.24
N LYS A 151 -2.26 3.82 -26.16
CA LYS A 151 -0.93 4.26 -25.96
C LYS A 151 -0.15 3.03 -25.52
N ASN A 152 -0.78 2.11 -24.82
CA ASN A 152 -0.07 0.89 -24.51
C ASN A 152 0.25 0.14 -25.78
N ILE A 153 -0.77 -0.07 -26.60
CA ILE A 153 -0.63 -0.63 -27.95
C ILE A 153 0.50 0.01 -28.69
N LYS A 154 0.53 1.34 -28.72
CA LYS A 154 1.59 2.04 -29.41
C LYS A 154 2.95 1.75 -28.84
N LEU A 155 3.09 1.81 -27.52
CA LEU A 155 4.38 1.53 -26.91
C LEU A 155 4.75 0.08 -27.23
N GLY A 156 3.79 -0.84 -27.13
CA GLY A 156 4.05 -2.22 -27.48
C GLY A 156 4.75 -2.31 -28.82
N VAL A 157 4.18 -1.63 -29.81
CA VAL A 157 4.77 -1.58 -31.16
C VAL A 157 6.20 -1.05 -31.19
N HIS A 158 6.45 0.01 -30.43
CA HIS A 158 7.81 0.51 -30.28
C HIS A 158 8.75 -0.48 -29.61
N GLU A 159 8.26 -1.09 -28.56
CA GLU A 159 9.12 -1.85 -27.72
C GLU A 159 9.30 -3.23 -28.26
N ASP A 160 8.22 -3.94 -28.48
CA ASP A 160 8.33 -5.34 -28.75
C ASP A 160 8.72 -5.60 -30.20
N THR A 161 9.76 -6.36 -30.35
CA THR A 161 10.33 -6.54 -31.67
C THR A 161 9.67 -7.74 -32.40
N GLN A 162 9.33 -8.83 -31.71
CA GLN A 162 8.54 -9.92 -32.31
C GLN A 162 7.12 -9.51 -32.70
N ASN A 163 6.41 -8.98 -31.71
CA ASN A 163 4.97 -8.76 -31.81
C ASN A 163 4.59 -7.44 -32.38
N ARG A 164 5.60 -6.61 -32.60
CA ARG A 164 5.47 -5.36 -33.29
C ARG A 164 4.45 -5.50 -34.39
N ALA A 165 4.69 -6.47 -35.28
CA ALA A 165 3.90 -6.71 -36.50
C ALA A 165 2.42 -6.89 -36.25
N ALA A 166 2.10 -7.80 -35.34
CA ALA A 166 0.72 -8.06 -34.97
C ALA A 166 0.04 -6.89 -34.27
N LEU A 167 0.74 -6.22 -33.36
CA LEU A 167 0.21 -5.09 -32.64
C LEU A 167 -0.16 -3.98 -33.60
N ALA A 168 0.65 -3.77 -34.64
CA ALA A 168 0.31 -2.75 -35.64
C ALA A 168 -1.14 -2.84 -36.01
N LYS A 169 -1.58 -4.07 -36.23
CA LYS A 169 -2.93 -4.40 -36.68
C LYS A 169 -4.01 -3.89 -35.74
N LEU A 170 -3.63 -3.64 -34.50
CA LEU A 170 -4.56 -3.07 -33.51
C LEU A 170 -4.56 -1.57 -33.44
N LEU A 171 -3.61 -0.90 -34.09
CA LEU A 171 -3.61 0.55 -34.22
C LEU A 171 -4.81 1.03 -35.02
N ARG A 172 -5.16 2.32 -34.83
CA ARG A 172 -6.38 2.98 -35.28
C ARG A 172 -6.17 4.52 -35.31
N TYR A 173 -6.55 5.17 -36.40
CA TYR A 173 -6.33 6.62 -36.57
C TYR A 173 -7.39 7.30 -37.40
N ASN A 174 -7.52 8.61 -37.27
CA ASN A 174 -8.24 9.34 -38.28
C ASN A 174 -7.37 9.49 -39.50
N SER A 175 -7.97 9.75 -40.65
CA SER A 175 -7.23 9.94 -41.88
C SER A 175 -8.00 10.91 -42.78
N THR A 176 -7.45 11.22 -43.94
CA THR A 176 -8.15 12.00 -44.95
C THR A 176 -9.42 11.32 -45.47
N LYS A 177 -9.35 10.00 -45.59
CA LYS A 177 -10.48 9.19 -46.04
C LYS A 177 -11.35 8.65 -44.87
N SER A 178 -10.92 8.93 -43.64
CA SER A 178 -11.75 8.70 -42.46
C SER A 178 -11.69 9.86 -41.49
N VAL A 179 -12.63 10.80 -41.62
CA VAL A 179 -12.56 12.08 -40.94
C VAL A 179 -13.11 12.02 -39.51
N ASP A 180 -14.34 11.53 -39.34
CA ASP A 180 -14.89 11.29 -37.99
C ASP A 180 -14.30 10.01 -37.40
N GLU A 181 -14.66 8.90 -38.01
CA GLU A 181 -14.30 7.59 -37.49
C GLU A 181 -12.81 7.32 -37.59
N LEU A 182 -12.36 6.35 -36.79
CA LEU A 182 -10.98 5.83 -36.80
C LEU A 182 -10.86 4.66 -37.74
N THR A 183 -9.77 4.59 -38.50
CA THR A 183 -9.57 3.55 -39.53
C THR A 183 -8.41 2.64 -39.16
N SER A 184 -8.44 1.38 -39.57
CA SER A 184 -7.27 0.51 -39.30
C SER A 184 -6.23 0.58 -40.40
N LEU A 185 -5.01 0.16 -40.09
CA LEU A 185 -3.99 0.07 -41.12
C LEU A 185 -4.44 -0.93 -42.17
N THR A 186 -4.98 -2.06 -41.75
CA THR A 186 -5.43 -3.06 -42.70
C THR A 186 -6.45 -2.43 -43.62
N ASP A 187 -7.35 -1.64 -43.06
CA ASP A 187 -8.32 -0.92 -43.88
C ASP A 187 -7.66 0.09 -44.82
N TYR A 188 -6.82 0.95 -44.29
CA TYR A 188 -6.10 1.89 -45.11
C TYR A 188 -5.54 1.23 -46.34
N VAL A 189 -5.04 0.01 -46.14
CA VAL A 189 -4.35 -0.75 -47.17
C VAL A 189 -5.35 -1.22 -48.19
N THR A 190 -6.57 -1.49 -47.76
CA THR A 190 -7.63 -1.84 -48.69
C THR A 190 -7.92 -0.69 -49.65
N ARG A 191 -8.08 0.51 -49.12
CA ARG A 191 -8.36 1.69 -49.93
C ARG A 191 -7.20 2.09 -50.87
N MET A 192 -6.11 1.33 -50.83
CA MET A 192 -4.96 1.71 -51.62
C MET A 192 -5.21 1.27 -53.03
N PRO A 193 -5.07 2.21 -54.01
CA PRO A 193 -5.15 1.83 -55.43
C PRO A 193 -3.95 0.95 -55.82
N GLU A 194 -4.02 0.34 -56.99
CA GLU A 194 -3.04 -0.66 -57.40
C GLU A 194 -1.61 -0.14 -57.47
N HIS A 195 -1.48 1.17 -57.65
CA HIS A 195 -0.20 1.79 -57.93
C HIS A 195 0.41 2.57 -56.76
N GLN A 196 -0.39 2.82 -55.72
CA GLN A 196 0.14 3.41 -54.48
C GLN A 196 1.15 2.43 -53.94
N LYS A 197 2.28 2.98 -53.53
CA LYS A 197 3.44 2.19 -53.14
C LYS A 197 3.68 2.17 -51.62
N ASN A 198 3.27 3.25 -50.99
CA ASN A 198 3.58 3.51 -49.62
C ASN A 198 2.34 3.86 -48.85
N ILE A 199 2.47 3.88 -47.53
CA ILE A 199 1.41 4.29 -46.66
C ILE A 199 1.81 5.64 -46.17
N TYR A 200 0.90 6.58 -46.24
CA TYR A 200 1.22 7.97 -45.95
C TYR A 200 0.57 8.41 -44.67
N TYR A 201 1.39 8.99 -43.81
CA TYR A 201 0.89 9.63 -42.62
C TYR A 201 1.43 11.02 -42.52
N ILE A 202 0.86 11.77 -41.59
CA ILE A 202 1.35 13.09 -41.21
C ILE A 202 1.32 13.24 -39.69
N THR A 203 2.36 13.91 -39.17
CA THR A 203 2.57 14.10 -37.74
C THR A 203 2.42 15.57 -37.42
N GLY A 204 1.81 15.88 -36.28
CA GLY A 204 1.58 17.29 -35.92
C GLY A 204 0.83 17.49 -34.63
N GLU A 205 0.62 18.75 -34.26
CA GLU A 205 0.06 19.07 -32.96
C GLU A 205 -1.25 18.36 -32.62
N SER A 206 -2.26 18.57 -33.46
CA SER A 206 -3.60 18.07 -33.24
C SER A 206 -4.22 17.82 -34.59
N LEU A 207 -5.40 17.24 -34.60
CA LEU A 207 -6.14 17.05 -35.83
C LEU A 207 -6.37 18.40 -36.51
N LYS A 208 -6.93 19.35 -35.79
CA LYS A 208 -7.19 20.68 -36.35
C LYS A 208 -6.00 21.27 -37.10
N ALA A 209 -4.83 21.12 -36.52
CA ALA A 209 -3.63 21.73 -37.06
C ALA A 209 -3.17 20.99 -38.32
N VAL A 210 -3.23 19.67 -38.24
CA VAL A 210 -2.66 18.77 -39.22
C VAL A 210 -3.42 18.75 -40.58
N GLU A 211 -4.67 19.15 -40.59
CA GLU A 211 -5.38 19.17 -41.87
C GLU A 211 -5.01 20.41 -42.69
N LYS A 212 -4.59 21.47 -42.02
CA LYS A 212 -4.23 22.70 -42.71
C LYS A 212 -2.87 22.57 -43.38
N SER A 213 -2.29 21.38 -43.31
CA SER A 213 -0.97 21.22 -43.87
C SER A 213 -1.04 21.47 -45.34
N PRO A 214 -0.08 22.25 -45.87
CA PRO A 214 0.08 22.38 -47.32
C PRO A 214 0.57 21.07 -47.96
N PHE A 215 1.02 20.12 -47.13
CA PHE A 215 1.60 18.90 -47.66
C PHE A 215 0.55 17.93 -48.18
N LEU A 216 -0.68 18.13 -47.70
CA LEU A 216 -1.80 17.26 -48.03
C LEU A 216 -2.24 17.35 -49.46
N ASP A 217 -2.27 18.58 -49.97
CA ASP A 217 -2.92 18.90 -51.22
C ASP A 217 -2.44 17.92 -52.29
N ALA A 218 -1.14 17.66 -52.31
CA ALA A 218 -0.52 16.85 -53.35
C ALA A 218 -1.02 15.39 -53.39
N LEU A 219 -1.11 14.78 -52.22
CA LEU A 219 -1.56 13.41 -52.07
C LEU A 219 -3.03 13.34 -52.36
N LYS A 220 -3.77 14.34 -51.93
CA LYS A 220 -5.19 14.38 -52.14
C LYS A 220 -5.47 14.29 -53.63
N ALA A 221 -4.90 15.22 -54.38
CA ALA A 221 -4.99 15.27 -55.84
C ALA A 221 -4.66 13.90 -56.46
N LYS A 222 -3.73 13.19 -55.84
CA LYS A 222 -3.32 11.87 -56.32
C LYS A 222 -4.34 10.83 -55.88
N ASN A 223 -5.19 11.23 -54.94
CA ASN A 223 -6.19 10.36 -54.30
C ASN A 223 -5.58 9.32 -53.35
N PHE A 224 -4.54 9.73 -52.61
CA PHE A 224 -3.92 8.81 -51.68
C PHE A 224 -4.44 9.23 -50.36
N GLU A 225 -4.78 8.24 -49.54
CA GLU A 225 -5.17 8.47 -48.16
C GLU A 225 -3.97 8.87 -47.30
N VAL A 226 -4.13 9.88 -46.46
CA VAL A 226 -3.11 10.23 -45.47
C VAL A 226 -3.63 10.03 -44.05
N LEU A 227 -2.89 9.30 -43.23
CA LEU A 227 -3.27 9.09 -41.84
C LEU A 227 -2.91 10.31 -40.98
N PHE A 228 -3.65 10.55 -39.91
CA PHE A 228 -3.26 11.61 -38.98
C PHE A 228 -2.70 11.06 -37.66
N LEU A 229 -1.47 11.47 -37.33
CA LEU A 229 -0.83 11.07 -36.07
C LEU A 229 -0.49 12.29 -35.20
N THR A 230 -1.36 12.56 -34.26
CA THR A 230 -1.22 13.71 -33.43
C THR A 230 -0.63 13.40 -32.02
N ASP A 231 -0.07 12.22 -31.86
CA ASP A 231 0.59 11.93 -30.60
C ASP A 231 2.02 11.55 -30.83
N PRO A 232 2.90 11.93 -29.91
CA PRO A 232 4.32 11.71 -30.06
C PRO A 232 4.75 10.26 -30.20
N ILE A 233 4.19 9.35 -29.38
CA ILE A 233 4.54 7.95 -29.53
C ILE A 233 4.22 7.52 -30.91
N ASP A 234 3.10 8.02 -31.47
CA ASP A 234 2.70 7.71 -32.86
C ASP A 234 3.92 7.64 -33.74
N GLU A 235 4.73 8.70 -33.72
CA GLU A 235 6.00 8.75 -34.46
C GLU A 235 7.04 7.70 -34.07
N TYR A 236 7.42 7.65 -32.79
CA TYR A 236 8.36 6.64 -32.25
C TYR A 236 7.91 5.23 -32.69
N ALA A 237 6.60 4.98 -32.68
CA ALA A 237 6.10 3.69 -33.09
C ALA A 237 6.32 3.52 -34.57
N PHE A 238 5.76 4.43 -35.35
CA PHE A 238 5.86 4.36 -36.79
C PHE A 238 7.30 4.23 -37.29
N THR A 239 8.21 5.02 -36.72
CA THR A 239 9.57 5.06 -37.20
C THR A 239 10.25 3.75 -36.85
N GLN A 240 9.62 2.98 -35.97
CA GLN A 240 10.19 1.74 -35.52
C GLN A 240 9.58 0.55 -36.22
N LEU A 241 8.33 0.69 -36.64
CA LEU A 241 7.60 -0.31 -37.44
C LEU A 241 8.22 -0.39 -38.83
N LYS A 242 8.47 0.81 -39.36
CA LYS A 242 9.09 1.01 -40.66
C LYS A 242 8.13 0.76 -41.82
N GLU A 243 7.31 -0.27 -41.68
CA GLU A 243 6.41 -0.66 -42.74
C GLU A 243 5.31 -1.60 -42.26
N PHE A 244 4.29 -1.71 -43.10
CA PHE A 244 3.13 -2.52 -42.87
C PHE A 244 3.04 -3.48 -44.05
N GLU A 245 2.98 -2.97 -45.27
CA GLU A 245 3.30 -3.79 -46.50
C GLU A 245 4.27 -3.00 -47.37
N GLY A 246 3.76 -1.83 -47.81
CA GLY A 246 4.62 -0.74 -48.24
C GLY A 246 5.23 -0.08 -47.01
N LYS A 247 6.30 0.66 -47.26
CA LYS A 247 6.95 1.51 -46.28
C LYS A 247 5.99 2.60 -45.81
N THR A 248 6.07 2.94 -44.53
CA THR A 248 5.22 4.00 -43.98
C THR A 248 6.02 5.30 -44.03
N LEU A 249 5.47 6.39 -44.54
CA LEU A 249 6.20 7.68 -44.47
C LEU A 249 5.47 9.01 -44.22
N VAL A 250 6.11 9.85 -43.39
CA VAL A 250 5.64 11.18 -43.07
C VAL A 250 5.81 11.90 -44.36
N ASP A 251 4.83 12.72 -44.70
CA ASP A 251 4.93 13.53 -45.89
C ASP A 251 5.41 14.91 -45.48
N ILE A 252 5.76 15.09 -44.22
CA ILE A 252 6.37 16.34 -43.83
C ILE A 252 7.86 16.21 -44.01
N THR A 253 8.28 15.06 -44.52
CA THR A 253 9.69 14.71 -44.68
C THR A 253 9.93 14.43 -46.15
N LYS A 254 11.21 14.27 -46.49
CA LYS A 254 11.64 13.87 -47.81
C LYS A 254 10.87 12.65 -48.29
N ASP A 255 9.91 12.92 -49.17
CA ASP A 255 8.99 11.98 -49.83
C ASP A 255 9.64 11.61 -51.15
N PHE A 256 8.92 10.86 -51.98
CA PHE A 256 9.26 10.70 -53.41
C PHE A 256 8.17 9.81 -53.98
N GLU A 257 7.15 10.40 -54.61
CA GLU A 257 6.00 9.57 -55.01
C GLU A 257 5.77 9.53 -56.47
N LEU A 258 5.73 8.27 -56.91
CA LEU A 258 5.25 7.81 -58.20
C LEU A 258 5.85 8.46 -59.42
N GLU A 259 5.49 7.88 -60.56
CA GLU A 259 5.84 8.38 -61.87
C GLU A 259 5.32 9.80 -62.06
N GLU A 260 4.90 10.44 -60.95
CA GLU A 260 4.21 11.74 -60.97
C GLU A 260 3.25 11.79 -62.19
N THR A 261 2.69 10.60 -62.48
CA THR A 261 1.94 10.24 -63.71
C THR A 261 2.86 10.28 -64.95
N ASP A 262 3.57 9.16 -65.20
CA ASP A 262 4.74 9.03 -66.12
C ASP A 262 5.02 10.08 -67.20
N GLU A 263 3.96 10.67 -67.72
CA GLU A 263 4.01 11.88 -68.53
C GLU A 263 4.79 12.97 -67.82
N GLU A 264 4.40 13.24 -66.58
CA GLU A 264 4.99 14.33 -65.80
C GLU A 264 6.40 13.93 -65.44
N LYS A 265 6.57 12.64 -65.16
CA LYS A 265 7.89 12.06 -65.03
C LYS A 265 8.79 12.52 -66.17
N ALA A 266 8.25 12.64 -67.38
CA ALA A 266 9.02 13.07 -68.56
C ALA A 266 9.41 14.56 -68.57
N GLU A 267 8.41 15.43 -68.49
CA GLU A 267 8.60 16.88 -68.62
C GLU A 267 9.22 17.52 -67.39
N ARG A 268 9.20 16.79 -66.27
CA ARG A 268 9.79 17.30 -65.04
C ARG A 268 11.29 17.64 -65.18
N GLU A 269 12.11 16.69 -65.66
CA GLU A 269 13.56 16.91 -65.80
C GLU A 269 13.86 18.09 -66.69
N LYS A 270 13.11 18.17 -67.77
CA LYS A 270 13.16 19.33 -68.65
C LYS A 270 13.01 20.60 -67.80
N GLU A 271 11.97 20.64 -66.97
CA GLU A 271 11.72 21.81 -66.16
C GLU A 271 12.79 21.91 -65.08
N ILE A 272 12.96 20.85 -64.29
CA ILE A 272 13.88 20.91 -63.14
C ILE A 272 15.21 21.52 -63.55
N LYS A 273 15.66 21.19 -64.75
CA LYS A 273 16.89 21.72 -65.24
C LYS A 273 16.79 23.21 -65.48
N GLU A 274 15.70 23.68 -66.09
CA GLU A 274 15.53 25.12 -66.32
C GLU A 274 15.70 25.91 -65.04
N TYR A 275 15.32 25.30 -63.92
CA TYR A 275 15.33 26.01 -62.66
C TYR A 275 16.66 25.94 -61.95
N GLU A 276 17.53 25.03 -62.40
CA GLU A 276 18.84 24.83 -61.76
C GLU A 276 19.57 26.14 -61.38
N PRO A 277 19.68 27.11 -62.30
CA PRO A 277 20.38 28.35 -61.93
C PRO A 277 19.66 29.23 -60.90
N LEU A 278 18.37 28.98 -60.72
CA LEU A 278 17.65 29.56 -59.59
C LEU A 278 18.03 28.78 -58.31
N THR A 279 17.77 27.47 -58.30
CA THR A 279 18.19 26.55 -57.26
C THR A 279 19.50 27.00 -56.62
N LYS A 280 20.56 27.12 -57.42
CA LYS A 280 21.88 27.45 -56.91
C LYS A 280 21.85 28.84 -56.30
N ALA A 281 21.17 29.77 -56.95
CA ALA A 281 21.16 31.17 -56.54
C ALA A 281 20.53 31.34 -55.17
N LEU A 282 19.36 30.73 -54.97
CA LEU A 282 18.66 30.80 -53.71
C LEU A 282 19.51 30.18 -52.60
N LYS A 283 20.22 29.09 -52.91
CA LYS A 283 21.06 28.43 -51.93
C LYS A 283 22.21 29.31 -51.51
N GLU A 284 22.67 30.14 -52.44
CA GLU A 284 23.77 31.06 -52.16
C GLU A 284 23.37 32.10 -51.13
N ILE A 285 22.08 32.42 -51.12
CA ILE A 285 21.55 33.39 -50.17
C ILE A 285 21.40 32.72 -48.81
N LEU A 286 20.68 31.61 -48.79
CA LEU A 286 20.32 30.92 -47.55
C LEU A 286 21.52 30.33 -46.83
N GLY A 287 22.59 30.07 -47.57
CA GLY A 287 23.85 29.63 -46.99
C GLY A 287 23.70 28.32 -46.26
N ASP A 288 23.90 28.38 -44.95
CA ASP A 288 23.85 27.19 -44.10
C ASP A 288 22.51 26.93 -43.40
N GLN A 289 21.65 27.95 -43.33
CA GLN A 289 20.35 27.75 -42.75
C GLN A 289 19.68 26.57 -43.42
N VAL A 290 20.09 26.26 -44.65
CA VAL A 290 19.49 25.15 -45.40
C VAL A 290 20.52 24.12 -45.77
N GLU A 291 20.06 22.89 -46.01
CA GLU A 291 20.90 21.84 -46.57
C GLU A 291 20.93 21.95 -48.08
N LYS A 292 19.75 22.14 -48.68
CA LYS A 292 19.62 22.33 -50.13
C LYS A 292 18.26 22.89 -50.62
N VAL A 293 18.30 23.67 -51.70
CA VAL A 293 17.10 24.15 -52.36
C VAL A 293 16.75 23.21 -53.50
N VAL A 294 15.48 22.83 -53.58
CA VAL A 294 15.00 21.93 -54.64
C VAL A 294 13.63 22.34 -55.19
N VAL A 295 13.29 21.77 -56.33
CA VAL A 295 12.03 22.00 -57.00
C VAL A 295 11.08 20.88 -56.61
N SER A 296 9.85 21.20 -56.25
CA SER A 296 8.95 20.13 -55.87
C SER A 296 7.68 20.12 -56.63
N TYR A 297 7.25 18.93 -57.00
CA TYR A 297 5.94 18.79 -57.60
C TYR A 297 4.98 18.24 -56.57
N LYS A 298 5.52 17.91 -55.42
CA LYS A 298 4.73 17.52 -54.24
C LYS A 298 4.18 18.74 -53.46
N LEU A 299 4.27 19.91 -54.07
CA LEU A 299 3.86 21.15 -53.43
C LEU A 299 2.94 21.89 -54.39
N LEU A 300 1.68 22.04 -54.01
CA LEU A 300 0.70 22.70 -54.88
C LEU A 300 0.34 24.05 -54.32
N ASP A 301 0.07 25.01 -55.20
CA ASP A 301 -0.41 26.37 -54.83
C ASP A 301 0.19 26.98 -53.54
N ALA A 302 1.51 26.84 -53.40
CA ALA A 302 2.26 27.50 -52.35
C ALA A 302 3.66 27.68 -52.90
N PRO A 303 4.23 28.90 -52.76
CA PRO A 303 5.53 29.20 -53.37
C PRO A 303 6.59 28.18 -52.99
N ALA A 304 6.78 28.04 -51.68
CA ALA A 304 7.88 27.30 -51.10
C ALA A 304 7.42 26.53 -49.88
N ALA A 305 8.27 25.62 -49.41
CA ALA A 305 8.03 24.86 -48.19
C ALA A 305 9.31 24.22 -47.66
N ILE A 306 9.24 23.65 -46.47
CA ILE A 306 10.42 23.02 -45.88
C ILE A 306 10.16 21.58 -45.44
N ARG A 307 11.00 20.67 -45.94
CA ARG A 307 10.95 19.25 -45.56
C ARG A 307 12.22 18.90 -44.89
N THR A 308 12.09 18.34 -43.69
CA THR A 308 13.21 17.84 -42.96
C THR A 308 13.63 16.59 -43.66
N GLY A 309 14.90 16.24 -43.53
CA GLY A 309 15.38 15.02 -44.16
C GLY A 309 14.62 13.85 -43.59
N GLN A 310 14.35 12.85 -44.44
CA GLN A 310 13.95 11.52 -43.99
C GLN A 310 15.15 10.91 -43.26
N PHE A 311 14.89 9.93 -42.40
CA PHE A 311 15.92 9.39 -41.49
C PHE A 311 16.42 10.44 -40.47
N GLY A 312 15.49 11.22 -39.95
CA GLY A 312 15.79 12.29 -39.00
C GLY A 312 14.50 12.82 -38.43
N TRP A 313 14.56 13.22 -37.16
CA TRP A 313 13.36 13.56 -36.38
C TRP A 313 12.53 14.67 -36.97
N SER A 314 11.24 14.40 -37.09
CA SER A 314 10.31 15.23 -37.83
C SER A 314 10.23 16.66 -37.34
N ALA A 315 9.71 17.54 -38.19
CA ALA A 315 9.49 18.92 -37.82
C ALA A 315 8.78 19.00 -36.49
N ASN A 316 7.72 18.19 -36.35
CA ASN A 316 6.95 18.10 -35.14
C ASN A 316 7.77 17.78 -33.89
N MET A 317 8.79 16.94 -34.03
CA MET A 317 9.67 16.58 -32.94
C MET A 317 10.59 17.74 -32.56
N GLU A 318 11.16 18.42 -33.56
CA GLU A 318 12.04 19.56 -33.37
C GLU A 318 11.31 20.60 -32.57
N ARG A 319 10.13 20.97 -33.06
CA ARG A 319 9.16 21.79 -32.35
C ARG A 319 9.13 21.55 -30.82
N ILE A 320 9.37 20.31 -30.41
CA ILE A 320 9.35 19.90 -29.01
C ILE A 320 10.73 19.91 -28.31
N MET A 321 11.73 19.26 -28.91
CA MET A 321 13.12 19.41 -28.46
C MET A 321 13.54 20.91 -28.38
N LYS A 322 12.99 21.76 -29.27
CA LYS A 322 13.37 23.19 -29.34
C LYS A 322 12.59 24.10 -28.40
N ALA A 323 11.32 23.77 -28.14
CA ALA A 323 10.52 24.54 -27.20
C ALA A 323 11.10 24.41 -25.81
N GLN A 324 11.86 23.33 -25.61
CA GLN A 324 12.55 23.04 -24.35
C GLN A 324 13.74 23.96 -24.04
N ALA A 325 14.63 24.14 -25.04
CA ALA A 325 15.81 24.99 -24.89
C ALA A 325 15.36 26.42 -24.55
N LEU A 326 14.17 26.76 -25.05
CA LEU A 326 13.49 28.04 -24.76
C LEU A 326 12.66 27.98 -23.46
N ARG A 327 13.10 27.15 -22.52
CA ARG A 327 12.56 27.06 -21.14
C ARG A 327 13.68 26.72 -20.15
N ASP A 328 14.39 25.63 -20.44
CA ASP A 328 15.63 25.28 -19.74
C ASP A 328 16.59 26.44 -20.01
N SER A 329 16.90 27.21 -18.96
CA SER A 329 17.72 28.43 -19.08
C SER A 329 19.22 28.12 -18.83
N SER A 330 19.76 27.23 -19.67
CA SER A 330 21.19 26.76 -19.65
C SER A 330 21.51 26.03 -20.97
N MET A 331 20.70 25.02 -21.30
CA MET A 331 20.79 24.29 -22.56
C MET A 331 20.52 25.19 -23.77
N SER A 332 21.26 24.91 -24.85
CA SER A 332 20.97 25.40 -26.21
C SER A 332 21.57 24.41 -27.22
N SER A 333 21.86 23.19 -26.74
CA SER A 333 22.42 22.10 -27.57
C SER A 333 21.34 21.46 -28.42
N TYR A 334 21.70 21.15 -29.66
CA TYR A 334 20.76 20.58 -30.61
C TYR A 334 21.23 19.27 -31.21
N MET A 335 20.54 18.21 -30.83
CA MET A 335 20.38 17.11 -31.71
C MET A 335 19.08 17.42 -32.49
N SER A 336 19.18 17.69 -33.80
CA SER A 336 17.98 17.96 -34.64
C SER A 336 17.93 17.21 -35.99
N SER A 337 17.82 17.95 -37.10
CA SER A 337 17.71 17.40 -38.45
C SER A 337 17.77 18.48 -39.53
N LYS A 338 18.10 18.05 -40.74
CA LYS A 338 18.49 18.86 -41.91
C LYS A 338 17.30 19.38 -42.71
N LYS A 339 17.42 20.60 -43.23
CA LYS A 339 16.27 21.27 -43.82
C LYS A 339 16.39 21.37 -45.33
N THR A 340 15.31 21.03 -46.03
CA THR A 340 15.30 21.08 -47.46
C THR A 340 14.24 22.07 -47.87
N PHE A 341 14.67 23.11 -48.58
CA PHE A 341 13.82 24.20 -49.05
C PHE A 341 13.23 23.94 -50.43
N GLU A 342 11.92 23.71 -50.48
CA GLU A 342 11.24 23.31 -51.71
C GLU A 342 10.58 24.47 -52.43
N ILE A 343 10.74 24.52 -53.75
CA ILE A 343 10.21 25.57 -54.59
C ILE A 343 9.14 25.00 -55.55
N SER A 344 7.98 25.65 -55.64
CA SER A 344 6.95 25.19 -56.60
C SER A 344 6.87 26.09 -57.82
N PRO A 345 7.23 25.53 -58.99
CA PRO A 345 7.33 26.29 -60.23
C PRO A 345 5.96 26.77 -60.67
N LYS A 346 4.92 26.08 -60.21
CA LYS A 346 3.54 26.45 -60.53
C LYS A 346 3.15 27.78 -59.90
N SER A 347 3.82 28.15 -58.82
CA SER A 347 3.51 29.41 -58.15
C SER A 347 4.20 30.55 -58.83
N PRO A 348 3.40 31.52 -59.29
CA PRO A 348 3.84 32.64 -60.10
C PRO A 348 4.97 33.40 -59.42
N ILE A 349 4.89 33.45 -58.09
CA ILE A 349 5.92 34.05 -57.28
C ILE A 349 7.29 33.46 -57.63
N ILE A 350 7.32 32.15 -57.84
CA ILE A 350 8.57 31.50 -58.20
C ILE A 350 8.96 31.84 -59.63
N LYS A 351 8.02 31.63 -60.56
CA LYS A 351 8.21 31.98 -61.97
C LYS A 351 8.89 33.33 -62.13
N GLU A 352 8.48 34.26 -61.28
CA GLU A 352 8.98 35.62 -61.22
C GLU A 352 10.43 35.71 -60.74
N LEU A 353 10.76 34.99 -59.67
CA LEU A 353 12.11 34.99 -59.16
C LEU A 353 13.09 34.43 -60.20
N LYS A 354 12.65 33.41 -60.92
CA LYS A 354 13.44 32.84 -62.02
C LYS A 354 13.76 33.95 -62.99
N LYS A 355 12.75 34.74 -63.32
CA LYS A 355 12.89 35.81 -64.31
C LYS A 355 14.00 36.77 -63.94
N ARG A 356 14.02 37.20 -62.68
CA ARG A 356 14.99 38.17 -62.23
C ARG A 356 16.39 37.58 -62.23
N VAL A 357 16.48 36.28 -61.97
CA VAL A 357 17.74 35.54 -61.99
C VAL A 357 18.28 35.36 -63.40
N ASP A 358 17.38 34.99 -64.31
CA ASP A 358 17.69 34.85 -65.74
C ASP A 358 17.93 36.23 -66.35
N GLU A 359 18.13 37.22 -65.49
CA GLU A 359 18.36 38.61 -65.88
C GLU A 359 19.39 39.25 -64.97
N GLY A 360 20.45 38.51 -64.68
CA GLY A 360 21.58 38.98 -63.88
C GLY A 360 21.29 39.30 -62.42
N GLY A 361 19.99 39.38 -62.09
CA GLY A 361 19.53 39.71 -60.74
C GLY A 361 19.77 38.62 -59.70
N ALA A 362 20.94 37.97 -59.82
CA ALA A 362 21.36 36.90 -58.90
C ALA A 362 21.69 37.41 -57.49
N GLN A 363 21.99 38.71 -57.35
CA GLN A 363 22.33 39.31 -56.05
C GLN A 363 21.67 40.67 -55.82
N ASP A 364 20.40 40.78 -56.21
CA ASP A 364 19.59 41.95 -55.92
C ASP A 364 19.14 41.94 -54.46
N LYS A 365 19.32 43.07 -53.78
CA LYS A 365 18.81 43.27 -52.42
C LYS A 365 17.35 42.89 -52.40
N THR A 366 16.65 43.20 -53.49
CA THR A 366 15.24 42.83 -53.67
C THR A 366 15.04 41.32 -53.76
N VAL A 367 15.88 40.64 -54.54
CA VAL A 367 15.79 39.19 -54.72
C VAL A 367 16.28 38.49 -53.46
N LYS A 368 17.24 39.10 -52.77
CA LYS A 368 17.72 38.58 -51.50
C LYS A 368 16.58 38.61 -50.48
N ASP A 369 15.94 39.77 -50.37
CA ASP A 369 14.90 40.00 -49.39
C ASP A 369 13.70 39.10 -49.58
N LEU A 370 13.39 38.83 -50.84
CA LEU A 370 12.25 37.99 -51.17
C LEU A 370 12.48 36.55 -50.77
N THR A 371 13.63 36.02 -51.17
CA THR A 371 14.15 34.70 -50.80
C THR A 371 14.09 34.50 -49.30
N LYS A 372 14.86 35.34 -48.60
CA LYS A 372 14.93 35.28 -47.17
C LYS A 372 13.52 35.20 -46.60
N LEU A 373 12.67 36.14 -47.01
CA LEU A 373 11.30 36.23 -46.49
C LEU A 373 10.49 34.98 -46.79
N LEU A 374 10.59 34.52 -48.02
CA LEU A 374 9.93 33.29 -48.44
C LEU A 374 10.36 32.11 -47.59
N TYR A 375 11.59 32.17 -47.13
CA TYR A 375 12.14 31.10 -46.36
C TYR A 375 11.56 31.09 -44.95
N GLU A 376 11.69 32.22 -44.27
CA GLU A 376 11.12 32.40 -42.96
C GLU A 376 9.65 31.99 -42.93
N THR A 377 8.89 32.47 -43.90
CA THR A 377 7.52 32.05 -44.10
C THR A 377 7.38 30.53 -44.15
N ALA A 378 8.22 29.87 -44.97
CA ALA A 378 8.18 28.42 -45.07
C ALA A 378 8.26 27.82 -43.67
N LEU A 379 9.20 28.28 -42.87
CA LEU A 379 9.31 27.80 -41.50
C LEU A 379 8.01 27.85 -40.73
N LEU A 380 7.35 28.99 -40.76
CA LEU A 380 6.01 29.10 -40.20
C LEU A 380 5.06 28.08 -40.81
N THR A 381 4.75 28.25 -42.10
CA THR A 381 3.86 27.33 -42.86
C THR A 381 4.13 25.85 -42.56
N SER A 382 5.40 25.48 -42.62
CA SER A 382 5.82 24.08 -42.39
C SER A 382 5.95 23.76 -40.89
N GLY A 383 5.33 24.58 -40.03
CA GLY A 383 5.29 24.33 -38.58
C GLY A 383 6.63 24.32 -37.88
N PHE A 384 7.32 25.45 -37.96
CA PHE A 384 8.62 25.64 -37.31
C PHE A 384 8.55 27.00 -36.72
N SER A 385 9.39 27.24 -35.72
CA SER A 385 9.62 28.61 -35.24
C SER A 385 10.75 29.15 -36.09
N LEU A 386 10.74 30.47 -36.29
CA LEU A 386 11.66 31.17 -37.21
C LEU A 386 12.97 31.62 -36.55
N ASP A 387 13.66 32.54 -37.20
CA ASP A 387 14.96 33.00 -36.70
C ASP A 387 14.97 34.49 -36.38
N GLU A 388 14.56 34.79 -35.16
CA GLU A 388 14.73 36.12 -34.55
C GLU A 388 13.68 37.14 -34.98
N PRO A 389 13.30 38.04 -34.06
CA PRO A 389 12.22 38.96 -34.39
C PRO A 389 12.71 39.95 -35.45
N THR A 390 13.51 40.90 -34.98
CA THR A 390 14.20 41.91 -35.77
C THR A 390 14.15 41.60 -37.25
N SER A 391 15.15 40.84 -37.70
CA SER A 391 15.30 40.48 -39.11
C SER A 391 13.93 40.42 -39.77
N PHE A 392 13.03 39.61 -39.18
CA PHE A 392 11.77 39.29 -39.81
C PHE A 392 10.82 40.46 -39.85
N ALA A 393 10.69 41.13 -38.70
CA ALA A 393 9.93 42.37 -38.64
C ALA A 393 10.34 43.23 -39.80
N SER A 394 11.57 43.74 -39.70
CA SER A 394 12.18 44.54 -40.73
C SER A 394 11.72 44.10 -42.12
N ARG A 395 12.01 42.85 -42.51
CA ARG A 395 11.70 42.35 -43.88
C ARG A 395 10.29 42.69 -44.33
N ILE A 396 9.34 42.59 -43.41
CA ILE A 396 7.93 42.75 -43.71
C ILE A 396 7.54 44.23 -43.93
N ASN A 397 7.89 45.07 -42.97
CA ASN A 397 7.64 46.50 -43.09
C ASN A 397 8.07 47.07 -44.43
N ARG A 398 9.26 46.66 -44.90
CA ARG A 398 9.77 47.13 -46.17
C ARG A 398 8.90 46.72 -47.38
N LEU A 399 7.91 45.85 -47.17
CA LEU A 399 7.09 45.30 -48.29
C LEU A 399 5.57 45.61 -48.23
N ILE A 400 5.09 45.89 -47.02
CA ILE A 400 3.83 46.57 -46.82
C ILE A 400 3.85 47.89 -47.56
N SER A 401 4.90 48.69 -47.33
CA SER A 401 5.03 50.05 -47.87
C SER A 401 4.93 50.11 -49.40
N LEU A 402 5.46 49.09 -50.05
CA LEU A 402 5.35 48.90 -51.50
C LEU A 402 3.90 48.61 -51.92
N GLY A 403 3.20 47.85 -51.10
CA GLY A 403 1.77 47.61 -51.29
C GLY A 403 0.89 48.75 -50.78
N LEU A 404 1.50 49.77 -50.16
CA LEU A 404 0.75 50.99 -49.78
C LEU A 404 1.10 52.16 -50.67
N ASN A 405 2.17 52.90 -50.34
CA ASN A 405 2.52 54.05 -51.17
C ASN A 405 3.04 53.65 -52.54
N THR B 1 -21.08 3.93 -20.41
CA THR B 1 -19.74 3.89 -21.11
C THR B 1 -18.97 5.25 -21.16
N LYS B 2 -18.64 5.78 -19.96
CA LYS B 2 -18.04 7.12 -19.68
C LYS B 2 -17.91 7.30 -18.13
N PRO B 3 -16.78 7.87 -17.65
CA PRO B 3 -16.43 7.78 -16.24
C PRO B 3 -17.47 8.43 -15.34
N LEU B 4 -17.74 7.79 -14.19
CA LEU B 4 -18.94 8.10 -13.43
C LEU B 4 -19.03 9.57 -13.11
N TRP B 5 -17.89 10.16 -12.85
CA TRP B 5 -17.86 11.54 -12.46
C TRP B 5 -18.09 12.51 -13.57
N THR B 6 -17.95 12.08 -14.82
CA THR B 6 -18.29 13.00 -15.90
C THR B 6 -19.81 13.01 -16.12
N ARG B 7 -20.51 11.95 -15.71
CA ARG B 7 -21.97 11.90 -15.84
C ARG B 7 -22.72 12.93 -14.94
N ASN B 8 -24.01 13.14 -15.21
CA ASN B 8 -24.85 14.07 -14.44
C ASN B 8 -25.46 13.37 -13.21
N PRO B 9 -25.26 13.95 -12.01
CA PRO B 9 -25.70 13.36 -10.76
C PRO B 9 -27.13 12.90 -10.80
N SER B 10 -28.00 13.66 -11.43
CA SER B 10 -29.41 13.34 -11.46
C SER B 10 -29.67 12.08 -12.28
N ASP B 11 -28.60 11.47 -12.75
CA ASP B 11 -28.69 10.49 -13.83
C ASP B 11 -27.74 9.29 -13.54
N ILE B 12 -27.01 9.40 -12.43
CA ILE B 12 -26.42 8.27 -11.74
C ILE B 12 -27.38 7.81 -10.63
N THR B 13 -27.64 6.51 -10.53
CA THR B 13 -28.44 5.96 -9.43
C THR B 13 -27.57 5.91 -8.17
N GLN B 14 -28.18 5.57 -7.03
CA GLN B 14 -27.43 5.14 -5.84
C GLN B 14 -26.83 3.81 -6.32
N GLU B 15 -26.25 2.98 -5.46
CA GLU B 15 -25.82 1.66 -5.97
C GLU B 15 -24.64 1.78 -6.91
N GLU B 16 -24.74 2.67 -7.88
CA GLU B 16 -23.56 3.06 -8.63
C GLU B 16 -22.62 3.83 -7.70
N TYR B 17 -23.09 4.87 -7.02
CA TYR B 17 -22.17 5.61 -6.15
C TYR B 17 -21.65 4.69 -5.08
N ASN B 18 -22.54 3.82 -4.63
CA ASN B 18 -22.25 2.94 -3.52
C ASN B 18 -21.09 2.02 -3.83
N ALA B 19 -21.17 1.34 -4.96
CA ALA B 19 -20.11 0.49 -5.42
C ALA B 19 -18.84 1.32 -5.73
N PHE B 20 -19.03 2.56 -6.14
CA PHE B 20 -17.86 3.35 -6.53
C PHE B 20 -17.13 3.60 -5.26
N TYR B 21 -17.88 4.04 -4.26
CA TYR B 21 -17.34 4.30 -2.94
C TYR B 21 -16.60 3.07 -2.42
N LYS B 22 -17.27 1.93 -2.43
CA LYS B 22 -16.75 0.67 -1.91
C LYS B 22 -15.46 0.22 -2.57
N SER B 23 -15.33 0.52 -3.85
CA SER B 23 -14.13 0.17 -4.58
C SER B 23 -12.95 1.06 -4.23
N ILE B 24 -13.19 2.19 -3.61
CA ILE B 24 -12.20 3.25 -3.42
C ILE B 24 -11.81 3.38 -1.97
N SER B 25 -12.50 2.63 -1.11
CA SER B 25 -12.57 2.97 0.31
C SER B 25 -12.22 1.84 1.27
N ASN B 26 -12.44 0.60 0.85
CA ASN B 26 -12.41 -0.50 1.85
C ASN B 26 -13.38 -0.31 3.07
N ASP B 27 -14.50 0.35 2.86
CA ASP B 27 -15.49 0.51 3.92
C ASP B 27 -16.54 -0.53 3.58
N TRP B 28 -16.99 -1.30 4.56
CA TRP B 28 -17.89 -2.38 4.24
C TRP B 28 -19.25 -1.78 4.16
N GLU B 29 -19.38 -0.57 4.71
CA GLU B 29 -20.67 0.13 4.82
C GLU B 29 -20.88 1.14 3.68
N ASP B 30 -22.11 1.53 3.43
CA ASP B 30 -22.31 2.48 2.35
C ASP B 30 -21.92 3.90 2.78
N PRO B 31 -21.86 4.83 1.83
CA PRO B 31 -21.39 6.12 2.31
C PRO B 31 -22.50 6.90 3.03
N LEU B 32 -22.13 7.81 3.92
CA LEU B 32 -23.15 8.57 4.63
C LEU B 32 -23.90 9.54 3.71
N TYR B 33 -23.18 10.08 2.73
CA TYR B 33 -23.62 11.17 1.89
C TYR B 33 -22.61 11.28 0.78
N VAL B 34 -23.08 11.55 -0.43
CA VAL B 34 -22.21 11.71 -1.58
C VAL B 34 -22.44 13.06 -2.25
N LYS B 35 -21.42 13.91 -2.24
CA LYS B 35 -21.53 15.22 -2.88
C LYS B 35 -20.86 15.15 -4.21
N HIS B 36 -21.63 15.28 -5.28
CA HIS B 36 -21.12 15.15 -6.60
C HIS B 36 -21.44 16.41 -7.38
N PHE B 37 -20.45 17.22 -7.69
CA PHE B 37 -20.72 18.54 -8.27
C PHE B 37 -19.75 18.89 -9.36
N SER B 38 -20.01 20.00 -10.03
CA SER B 38 -19.02 20.47 -10.97
C SER B 38 -18.86 21.96 -10.90
N VAL B 39 -17.62 22.41 -11.00
CA VAL B 39 -17.35 23.82 -11.11
C VAL B 39 -17.09 24.17 -12.56
N GLU B 40 -17.57 25.35 -12.97
CA GLU B 40 -17.26 25.91 -14.28
C GLU B 40 -16.93 27.38 -14.12
N GLY B 41 -16.40 27.97 -15.18
CA GLY B 41 -15.98 29.37 -15.14
C GLY B 41 -14.51 29.62 -15.44
N GLN B 42 -13.90 30.50 -14.63
CA GLN B 42 -12.46 30.66 -14.56
C GLN B 42 -11.79 29.26 -14.70
N LEU B 43 -11.99 28.40 -13.73
CA LEU B 43 -11.44 27.07 -13.83
C LEU B 43 -12.56 26.07 -13.85
N GLU B 44 -12.24 24.84 -14.21
CA GLU B 44 -13.27 23.80 -14.35
C GLU B 44 -12.88 22.48 -13.81
N PHE B 45 -13.76 21.90 -13.01
CA PHE B 45 -13.58 20.53 -12.60
C PHE B 45 -14.88 19.94 -12.12
N ARG B 46 -14.90 18.62 -12.10
CA ARG B 46 -16.02 17.87 -11.57
C ARG B 46 -15.40 17.11 -10.44
N ALA B 47 -16.25 16.65 -9.50
CA ALA B 47 -15.82 15.80 -8.36
C ALA B 47 -16.94 14.95 -7.81
N ILE B 48 -16.55 13.88 -7.15
CA ILE B 48 -17.47 13.11 -6.34
C ILE B 48 -16.74 12.81 -5.07
N LEU B 49 -17.16 13.42 -3.99
CA LEU B 49 -16.50 13.22 -2.73
C LEU B 49 -17.49 12.42 -1.91
N PHE B 50 -17.01 11.63 -0.97
CA PHE B 50 -17.92 10.88 -0.13
C PHE B 50 -17.66 11.20 1.34
N ILE B 51 -18.73 11.24 2.09
CA ILE B 51 -18.65 11.31 3.53
C ILE B 51 -19.00 9.94 4.12
N PRO B 52 -18.05 9.31 4.83
CA PRO B 52 -18.23 8.06 5.55
C PRO B 52 -19.24 8.17 6.69
N LYS B 53 -19.85 7.05 7.11
CA LYS B 53 -20.75 7.02 8.29
C LYS B 53 -19.93 7.18 9.57
N ARG B 54 -18.67 6.73 9.48
CA ARG B 54 -17.79 6.56 10.62
C ARG B 54 -16.39 6.90 10.18
N ALA B 55 -15.65 7.59 11.05
CA ALA B 55 -14.26 7.94 10.73
C ALA B 55 -13.46 6.72 10.34
N PRO B 56 -12.86 6.75 9.15
CA PRO B 56 -12.02 5.71 8.64
C PRO B 56 -10.75 5.58 9.46
N PHE B 57 -10.42 6.67 10.15
CA PHE B 57 -9.29 6.79 11.08
C PHE B 57 -9.53 8.08 11.81
N ASP B 58 -8.83 8.41 12.90
CA ASP B 58 -8.96 9.80 13.38
C ASP B 58 -7.72 10.70 13.34
N LEU B 59 -7.91 11.99 13.08
CA LEU B 59 -6.75 12.92 13.17
C LEU B 59 -6.35 12.93 14.61
N PHE B 60 -5.10 13.24 14.91
CA PHE B 60 -4.63 13.01 16.29
C PHE B 60 -4.93 11.57 16.70
N GLU B 61 -3.94 10.86 17.22
CA GLU B 61 -4.22 9.45 17.51
C GLU B 61 -4.18 8.76 16.16
N SER B 62 -4.48 7.46 16.12
CA SER B 62 -4.79 6.86 14.80
C SER B 62 -3.81 7.24 13.71
N LYS B 63 -2.54 6.95 13.91
CA LYS B 63 -1.47 7.20 12.92
C LYS B 63 -1.63 8.56 12.22
N LYS B 64 -1.47 8.62 10.87
CA LYS B 64 -1.69 9.86 10.06
C LYS B 64 -1.31 9.75 8.57
N LYS B 65 -2.27 9.36 7.74
CA LYS B 65 -1.95 9.13 6.30
C LYS B 65 -2.40 10.32 5.46
N LYS B 66 -1.76 10.48 4.30
CA LYS B 66 -2.16 11.51 3.37
C LYS B 66 -3.42 11.06 2.70
N ASN B 67 -4.14 12.07 2.26
CA ASN B 67 -5.45 11.88 1.71
C ASN B 67 -5.34 11.10 0.42
N ASN B 68 -6.34 10.34 0.06
CA ASN B 68 -6.15 9.49 -1.10
C ASN B 68 -7.21 9.65 -2.16
N ILE B 69 -7.89 10.77 -2.16
CA ILE B 69 -8.62 11.25 -3.32
C ILE B 69 -7.85 11.06 -4.62
N LYS B 70 -8.53 10.49 -5.61
CA LYS B 70 -7.99 10.21 -6.94
C LYS B 70 -7.96 11.42 -7.87
N LEU B 71 -6.82 12.11 -7.96
CA LEU B 71 -6.69 13.30 -8.80
C LEU B 71 -6.47 12.98 -10.26
N TYR B 72 -7.39 13.45 -11.10
CA TYR B 72 -7.34 13.27 -12.53
C TYR B 72 -7.18 14.56 -13.29
N VAL B 73 -6.47 14.53 -14.41
CA VAL B 73 -6.56 15.73 -15.25
C VAL B 73 -6.86 15.42 -16.65
N ARG B 74 -7.87 16.14 -17.14
CA ARG B 74 -8.47 15.85 -18.41
C ARG B 74 -8.89 14.38 -18.52
N ARG B 75 -9.47 13.82 -17.45
CA ARG B 75 -9.95 12.41 -17.47
C ARG B 75 -8.80 11.35 -17.46
N VAL B 76 -7.59 11.79 -17.15
CA VAL B 76 -6.45 10.87 -17.09
C VAL B 76 -5.90 10.75 -15.64
N PHE B 77 -5.82 9.53 -15.10
CA PHE B 77 -5.44 9.40 -13.69
C PHE B 77 -4.06 10.01 -13.43
N ILE B 78 -3.90 10.96 -12.53
CA ILE B 78 -2.52 11.39 -12.27
C ILE B 78 -1.96 10.81 -10.98
N THR B 79 -2.70 10.87 -9.89
CA THR B 79 -2.16 10.46 -8.61
C THR B 79 -3.24 10.36 -7.55
N ASP B 80 -2.99 9.53 -6.54
CA ASP B 80 -3.82 9.58 -5.34
C ASP B 80 -3.00 9.99 -4.09
N GLU B 81 -1.89 10.69 -4.35
CA GLU B 81 -1.16 11.39 -3.32
C GLU B 81 -1.03 12.83 -3.70
N ALA B 82 -2.16 13.49 -3.89
CA ALA B 82 -2.13 14.88 -4.31
C ALA B 82 -1.40 15.80 -3.36
N GLU B 83 -0.65 16.70 -3.98
CA GLU B 83 -0.05 17.84 -3.28
C GLU B 83 -1.10 18.94 -2.98
N ASP B 84 -1.52 19.08 -1.70
CA ASP B 84 -2.39 20.20 -1.29
C ASP B 84 -3.77 20.30 -1.94
N LEU B 85 -4.40 19.18 -2.27
CA LEU B 85 -5.70 19.26 -2.93
C LEU B 85 -6.82 19.43 -1.91
N ILE B 86 -6.54 19.09 -0.65
CA ILE B 86 -7.53 19.11 0.44
C ILE B 86 -6.82 19.32 1.79
N PRO B 87 -7.41 20.11 2.69
CA PRO B 87 -6.71 20.33 3.96
C PRO B 87 -6.85 19.18 4.95
N GLU B 88 -5.92 19.16 5.90
CA GLU B 88 -5.82 18.05 6.85
C GLU B 88 -7.19 17.78 7.51
N TRP B 89 -7.87 18.83 7.94
CA TRP B 89 -9.05 18.60 8.72
C TRP B 89 -10.11 17.88 7.92
N LEU B 90 -9.86 17.67 6.64
CA LEU B 90 -10.79 16.95 5.80
C LEU B 90 -10.19 15.67 5.28
N SER B 91 -9.04 15.26 5.82
CA SER B 91 -8.34 14.11 5.26
C SER B 91 -9.23 12.83 5.12
N PHE B 92 -10.35 12.76 5.84
CA PHE B 92 -11.19 11.58 5.84
C PHE B 92 -12.03 11.47 4.59
N VAL B 93 -11.95 12.47 3.73
CA VAL B 93 -12.84 12.53 2.57
C VAL B 93 -12.34 11.65 1.43
N LYS B 94 -13.25 10.97 0.73
CA LYS B 94 -12.84 10.04 -0.32
C LYS B 94 -13.49 10.30 -1.66
N GLY B 95 -12.77 10.07 -2.75
CA GLY B 95 -13.41 10.14 -4.09
C GLY B 95 -12.51 10.56 -5.21
N VAL B 96 -13.03 11.34 -6.13
CA VAL B 96 -12.28 11.71 -7.33
C VAL B 96 -12.41 13.15 -7.67
N VAL B 97 -11.33 13.75 -8.10
CA VAL B 97 -11.40 15.11 -8.62
C VAL B 97 -10.76 15.07 -9.96
N ASP B 98 -11.38 15.67 -10.98
CA ASP B 98 -10.90 15.66 -12.37
C ASP B 98 -10.79 17.13 -12.84
N SER B 99 -9.57 17.70 -12.76
CA SER B 99 -9.32 19.07 -13.24
C SER B 99 -9.18 19.21 -14.73
N GLU B 100 -9.63 20.31 -15.29
CA GLU B 100 -9.42 20.49 -16.72
C GLU B 100 -8.17 21.31 -16.94
N ASP B 101 -7.73 22.02 -15.92
CA ASP B 101 -6.72 23.08 -16.14
C ASP B 101 -5.32 22.79 -15.65
N LEU B 102 -5.16 21.77 -14.78
CA LEU B 102 -3.86 21.48 -14.22
C LEU B 102 -2.88 21.09 -15.30
N PRO B 103 -1.73 21.76 -15.35
CA PRO B 103 -0.69 21.41 -16.31
C PRO B 103 0.07 20.18 -15.92
N LEU B 104 0.45 19.35 -16.89
CA LEU B 104 1.30 18.17 -16.65
C LEU B 104 2.78 18.44 -16.99
N ASN B 105 3.68 17.74 -16.29
CA ASN B 105 5.12 17.86 -16.60
C ASN B 105 5.66 19.26 -16.73
N LEU B 106 5.26 20.10 -15.81
CA LEU B 106 5.81 21.42 -15.76
C LEU B 106 6.77 21.47 -14.61
N SER B 107 7.87 22.17 -14.79
CA SER B 107 8.82 22.39 -13.72
C SER B 107 8.04 22.82 -12.51
N ARG B 108 8.51 22.40 -11.34
CA ARG B 108 7.99 22.81 -10.05
C ARG B 108 8.25 24.30 -9.83
N GLU B 109 9.02 24.91 -10.72
CA GLU B 109 9.32 26.33 -10.63
C GLU B 109 8.11 27.10 -11.06
N MET B 110 7.29 26.46 -11.89
CA MET B 110 6.05 27.06 -12.34
C MET B 110 4.93 27.10 -11.27
N LEU B 111 4.85 28.19 -10.53
CA LEU B 111 3.93 28.25 -9.43
C LEU B 111 2.44 28.41 -9.82
N GLN B 112 2.16 28.64 -11.10
CA GLN B 112 0.81 28.81 -11.61
C GLN B 112 0.09 27.58 -11.12
N GLN B 113 0.77 26.42 -11.18
CA GLN B 113 0.11 25.14 -10.98
C GLN B 113 -0.33 25.01 -9.57
N ASN B 114 0.52 25.42 -8.63
CA ASN B 114 0.12 25.46 -7.24
C ASN B 114 -1.09 26.35 -7.04
N LYS B 115 -1.08 27.53 -7.70
CA LYS B 115 -2.21 28.46 -7.59
C LYS B 115 -3.49 27.76 -8.01
N ILE B 116 -3.51 27.18 -9.22
CA ILE B 116 -4.67 26.41 -9.67
C ILE B 116 -5.11 25.32 -8.65
N MET B 117 -4.14 24.58 -8.11
CA MET B 117 -4.38 23.64 -7.02
C MET B 117 -5.07 24.34 -5.85
N LYS B 118 -4.60 25.54 -5.59
CA LYS B 118 -5.08 26.23 -4.47
C LYS B 118 -6.54 26.59 -4.64
N VAL B 119 -7.01 26.75 -5.85
CA VAL B 119 -8.36 27.21 -5.97
C VAL B 119 -9.21 26.01 -6.11
N ILE B 120 -8.66 24.95 -6.65
CA ILE B 120 -9.42 23.71 -6.70
C ILE B 120 -9.76 23.29 -5.27
N ARG B 121 -8.75 23.39 -4.39
CA ARG B 121 -8.92 23.04 -2.98
C ARG B 121 -10.02 23.86 -2.35
N LYS B 122 -9.96 25.19 -2.58
CA LYS B 122 -10.81 26.16 -1.88
C LYS B 122 -12.25 25.90 -2.20
N ASN B 123 -12.52 25.68 -3.46
CA ASN B 123 -13.77 25.16 -3.91
C ASN B 123 -14.23 23.89 -3.22
N ILE B 124 -13.42 22.82 -3.23
CA ILE B 124 -13.79 21.55 -2.54
C ILE B 124 -14.34 21.91 -1.17
N VAL B 125 -13.59 22.73 -0.45
CA VAL B 125 -13.96 23.08 0.91
C VAL B 125 -15.31 23.75 0.93
N LYS B 126 -15.53 24.59 -0.04
CA LYS B 126 -16.79 25.28 -0.08
C LYS B 126 -17.88 24.22 -0.21
N LYS B 127 -17.82 23.44 -1.29
CA LYS B 127 -18.79 22.43 -1.55
C LYS B 127 -18.95 21.50 -0.38
N LEU B 128 -17.85 21.22 0.32
CA LEU B 128 -17.95 20.28 1.42
C LEU B 128 -18.82 20.81 2.58
N ILE B 129 -18.51 22.03 3.03
CA ILE B 129 -19.31 22.72 4.03
C ILE B 129 -20.75 22.74 3.56
N GLU B 130 -20.96 23.11 2.32
CA GLU B 130 -22.26 22.98 1.71
C GLU B 130 -22.91 21.61 2.03
N ALA B 131 -22.11 20.56 1.96
CA ALA B 131 -22.71 19.25 2.13
C ALA B 131 -23.10 19.05 3.58
N PHE B 132 -22.20 19.44 4.47
CA PHE B 132 -22.46 19.27 5.91
C PHE B 132 -23.72 20.02 6.30
N ASN B 133 -23.82 21.25 5.79
CA ASN B 133 -24.97 22.08 6.01
C ASN B 133 -26.18 21.33 5.59
N GLU B 134 -26.05 20.49 4.56
CA GLU B 134 -27.17 19.69 4.06
C GLU B 134 -27.46 18.47 4.96
N ILE B 135 -26.39 17.90 5.51
CA ILE B 135 -26.56 16.79 6.41
C ILE B 135 -27.19 17.29 7.67
N ALA B 136 -26.80 18.52 8.05
CA ALA B 136 -27.33 19.19 9.23
C ALA B 136 -28.87 19.21 9.24
N GLU B 137 -29.48 19.34 8.05
CA GLU B 137 -30.93 19.26 7.89
C GLU B 137 -31.54 17.97 8.41
N ASP B 138 -30.85 16.84 8.29
CA ASP B 138 -31.40 15.60 8.81
C ASP B 138 -30.82 15.29 10.18
N SER B 139 -31.68 15.25 11.20
CA SER B 139 -31.25 14.95 12.59
C SER B 139 -30.48 13.63 12.73
N GLU B 140 -31.07 12.52 12.32
CA GLU B 140 -30.40 11.22 12.44
C GLU B 140 -29.06 11.17 11.65
N GLN B 141 -29.06 11.68 10.40
CA GLN B 141 -27.86 11.73 9.51
C GLN B 141 -26.83 12.51 10.24
N PHE B 142 -27.16 13.72 10.67
CA PHE B 142 -26.20 14.58 11.35
C PHE B 142 -25.64 13.95 12.60
N GLU B 143 -26.49 13.32 13.39
CA GLU B 143 -26.05 12.61 14.59
C GLU B 143 -24.82 11.81 14.28
N LYS B 144 -24.80 11.08 13.17
CA LYS B 144 -23.64 10.24 12.94
C LYS B 144 -22.50 11.06 12.39
N PHE B 145 -22.81 11.95 11.46
CA PHE B 145 -21.78 12.85 10.97
C PHE B 145 -21.08 13.57 12.11
N TYR B 146 -21.83 14.13 13.04
CA TYR B 146 -21.18 14.82 14.15
C TYR B 146 -20.34 13.89 15.02
N SER B 147 -20.93 12.74 15.32
CA SER B 147 -20.33 11.80 16.22
C SER B 147 -18.96 11.36 15.72
N ALA B 148 -18.80 11.43 14.40
CA ALA B 148 -17.61 11.01 13.74
C ALA B 148 -16.69 12.15 13.42
N PHE B 149 -17.21 13.35 13.19
CA PHE B 149 -16.36 14.35 12.54
C PHE B 149 -16.27 15.71 13.22
N SER B 150 -16.86 15.72 14.41
CA SER B 150 -16.84 16.87 15.27
C SER B 150 -15.46 17.50 15.31
N LYS B 151 -14.40 16.68 15.44
CA LYS B 151 -13.05 17.14 15.76
C LYS B 151 -12.46 17.73 14.50
N ASN B 152 -12.88 17.17 13.37
CA ASN B 152 -12.50 17.76 12.11
C ASN B 152 -13.11 19.17 12.01
N ILE B 153 -14.41 19.23 12.26
CA ILE B 153 -15.15 20.49 12.29
C ILE B 153 -14.39 21.53 13.12
N LYS B 154 -13.94 21.12 14.29
CA LYS B 154 -13.29 21.98 15.24
C LYS B 154 -11.93 22.41 14.75
N LEU B 155 -11.20 21.48 14.15
CA LEU B 155 -9.89 21.83 13.65
C LEU B 155 -10.09 22.80 12.53
N GLY B 156 -11.04 22.50 11.64
CA GLY B 156 -11.34 23.44 10.56
C GLY B 156 -11.61 24.88 11.04
N VAL B 157 -12.44 25.03 12.07
CA VAL B 157 -12.66 26.33 12.64
C VAL B 157 -11.33 26.97 13.00
N HIS B 158 -10.42 26.14 13.55
CA HIS B 158 -9.14 26.64 14.06
C HIS B 158 -8.30 27.05 12.91
N GLU B 159 -8.38 26.24 11.89
CA GLU B 159 -7.47 26.40 10.79
C GLU B 159 -7.95 27.38 9.75
N ASP B 160 -9.15 27.15 9.25
CA ASP B 160 -9.58 27.88 8.10
C ASP B 160 -10.08 29.24 8.50
N THR B 161 -9.53 30.25 7.85
CA THR B 161 -9.78 31.59 8.30
C THR B 161 -11.03 32.14 7.61
N GLN B 162 -11.29 31.72 6.39
CA GLN B 162 -12.48 32.14 5.69
C GLN B 162 -13.75 31.48 6.20
N ASN B 163 -13.70 30.17 6.22
CA ASN B 163 -14.87 29.36 6.54
C ASN B 163 -15.02 29.10 8.00
N ARG B 164 -14.12 29.66 8.79
CA ARG B 164 -14.25 29.59 10.21
C ARG B 164 -15.70 29.84 10.63
N ALA B 165 -16.22 30.99 10.16
CA ALA B 165 -17.50 31.53 10.54
C ALA B 165 -18.65 30.56 10.34
N ALA B 166 -18.68 29.92 9.18
CA ALA B 166 -19.73 28.99 8.84
C ALA B 166 -19.60 27.67 9.58
N LEU B 167 -18.36 27.22 9.76
CA LEU B 167 -18.04 25.98 10.43
C LEU B 167 -18.51 26.01 11.86
N ALA B 168 -18.34 27.16 12.50
CA ALA B 168 -18.87 27.37 13.85
C ALA B 168 -20.30 26.82 13.95
N LYS B 169 -21.09 27.21 12.96
CA LYS B 169 -22.49 26.89 12.90
C LYS B 169 -22.77 25.42 13.05
N LEU B 170 -21.79 24.60 12.68
CA LEU B 170 -21.95 23.16 12.71
C LEU B 170 -21.51 22.57 14.02
N LEU B 171 -20.83 23.36 14.83
CA LEU B 171 -20.47 22.91 16.15
C LEU B 171 -21.71 22.77 16.96
N ARG B 172 -21.55 22.09 18.07
CA ARG B 172 -22.65 21.65 18.87
C ARG B 172 -22.09 21.32 20.25
N TYR B 173 -22.78 21.67 21.30
CA TYR B 173 -22.24 21.50 22.66
C TYR B 173 -23.37 21.28 23.69
N ASN B 174 -23.04 20.70 24.84
CA ASN B 174 -23.91 20.85 26.01
C ASN B 174 -23.69 22.21 26.66
N SER B 175 -24.69 22.67 27.38
CA SER B 175 -24.62 23.96 28.03
C SER B 175 -25.41 23.88 29.30
N THR B 176 -25.36 24.94 30.10
CA THR B 176 -26.19 25.08 31.33
C THR B 176 -27.66 24.98 30.98
N LYS B 177 -28.06 25.68 29.91
CA LYS B 177 -29.43 25.65 29.42
C LYS B 177 -29.75 24.47 28.49
N SER B 178 -28.72 23.70 28.08
CA SER B 178 -28.92 22.44 27.36
C SER B 178 -28.11 21.32 27.98
N VAL B 179 -28.72 20.60 28.90
CA VAL B 179 -28.01 19.64 29.75
C VAL B 179 -27.82 18.27 29.09
N ASP B 180 -28.91 17.68 28.60
CA ASP B 180 -28.85 16.42 27.84
C ASP B 180 -28.43 16.68 26.41
N GLU B 181 -29.30 17.40 25.70
CA GLU B 181 -29.14 17.66 24.29
C GLU B 181 -28.03 18.64 23.97
N LEU B 182 -27.56 18.59 22.73
CA LEU B 182 -26.57 19.51 22.21
C LEU B 182 -27.27 20.75 21.65
N THR B 183 -26.64 21.91 21.81
CA THR B 183 -27.22 23.19 21.34
C THR B 183 -26.27 23.86 20.35
N SER B 184 -26.77 24.67 19.44
CA SER B 184 -25.85 25.36 18.52
C SER B 184 -25.48 26.72 19.06
N LEU B 185 -24.39 27.28 18.54
CA LEU B 185 -24.09 28.70 18.75
C LEU B 185 -25.23 29.61 18.35
N THR B 186 -25.84 29.35 17.21
CA THR B 186 -26.90 30.20 16.76
C THR B 186 -28.06 30.12 17.76
N ASP B 187 -28.31 28.91 18.26
CA ASP B 187 -29.29 28.73 19.29
C ASP B 187 -28.93 29.49 20.55
N TYR B 188 -27.77 29.21 21.09
CA TYR B 188 -27.33 29.91 22.28
C TYR B 188 -27.61 31.41 22.16
N VAL B 189 -27.40 31.95 20.96
CA VAL B 189 -27.48 33.38 20.67
C VAL B 189 -28.93 33.86 20.74
N THR B 190 -29.84 32.96 20.42
CA THR B 190 -31.23 33.21 20.59
C THR B 190 -31.52 33.42 22.07
N ARG B 191 -31.07 32.48 22.92
CA ARG B 191 -31.42 32.48 24.35
C ARG B 191 -30.79 33.63 25.11
N MET B 192 -30.14 34.52 24.36
CA MET B 192 -29.40 35.61 25.01
C MET B 192 -30.35 36.73 25.23
N PRO B 193 -30.45 37.17 26.49
CA PRO B 193 -31.28 38.34 26.79
C PRO B 193 -30.67 39.57 26.14
N GLU B 194 -31.42 40.66 26.13
CA GLU B 194 -31.04 41.86 25.38
C GLU B 194 -29.74 42.49 25.82
N HIS B 195 -29.36 42.22 27.07
CA HIS B 195 -28.27 42.94 27.71
C HIS B 195 -27.01 42.08 27.84
N GLN B 196 -27.14 40.76 27.64
CA GLN B 196 -25.97 39.87 27.57
C GLN B 196 -25.11 40.32 26.41
N LYS B 197 -23.82 40.44 26.69
CA LYS B 197 -22.88 41.09 25.80
C LYS B 197 -21.94 40.09 25.11
N ASN B 198 -21.69 38.98 25.79
CA ASN B 198 -20.74 37.98 25.35
C ASN B 198 -21.34 36.61 25.32
N ILE B 199 -20.61 35.69 24.71
CA ILE B 199 -20.98 34.30 24.75
C ILE B 199 -20.06 33.59 25.70
N TYR B 200 -20.62 32.84 26.66
CA TYR B 200 -19.83 32.30 27.76
C TYR B 200 -19.68 30.83 27.64
N TYR B 201 -18.42 30.42 27.64
CA TYR B 201 -18.11 29.03 27.73
C TYR B 201 -17.24 28.73 28.92
N ILE B 202 -17.10 27.45 29.20
CA ILE B 202 -16.15 26.96 30.17
C ILE B 202 -15.38 25.77 29.62
N THR B 203 -14.09 25.70 29.96
CA THR B 203 -13.21 24.61 29.55
C THR B 203 -12.78 23.76 30.73
N GLY B 204 -12.81 22.44 30.55
CA GLY B 204 -12.42 21.49 31.60
C GLY B 204 -12.34 20.04 31.16
N GLU B 205 -12.03 19.18 32.10
CA GLU B 205 -11.75 17.77 31.82
C GLU B 205 -12.91 17.07 31.07
N SER B 206 -14.08 17.07 31.69
CA SER B 206 -15.26 16.36 31.22
C SER B 206 -16.47 17.19 31.60
N LEU B 207 -17.64 16.70 31.23
CA LEU B 207 -18.87 17.32 31.66
C LEU B 207 -19.00 17.25 33.18
N LYS B 208 -18.93 16.05 33.75
CA LYS B 208 -19.06 15.86 35.22
C LYS B 208 -18.24 16.85 36.03
N ALA B 209 -17.07 17.21 35.52
CA ALA B 209 -16.12 17.99 36.27
C ALA B 209 -16.43 19.43 36.12
N VAL B 210 -16.84 19.80 34.92
CA VAL B 210 -16.99 21.18 34.53
C VAL B 210 -18.27 21.82 35.13
N GLU B 211 -19.22 21.02 35.59
CA GLU B 211 -20.43 21.54 36.21
C GLU B 211 -20.22 21.96 37.65
N LYS B 212 -19.25 21.32 38.30
CA LYS B 212 -18.93 21.60 39.71
C LYS B 212 -18.06 22.86 39.86
N SER B 213 -17.84 23.55 38.73
CA SER B 213 -17.08 24.77 38.76
C SER B 213 -17.75 25.81 39.62
N PRO B 214 -16.98 26.42 40.51
CA PRO B 214 -17.50 27.56 41.27
C PRO B 214 -17.77 28.79 40.39
N PHE B 215 -17.22 28.79 39.19
CA PHE B 215 -17.35 29.92 38.29
C PHE B 215 -18.75 30.08 37.68
N LEU B 216 -19.48 28.97 37.56
CA LEU B 216 -20.84 28.96 37.02
C LEU B 216 -21.86 29.75 37.86
N ASP B 217 -21.76 29.64 39.18
CA ASP B 217 -22.78 30.13 40.04
C ASP B 217 -23.15 31.57 39.68
N ALA B 218 -22.14 32.38 39.34
CA ALA B 218 -22.33 33.82 39.06
C ALA B 218 -23.13 34.11 37.77
N LEU B 219 -22.87 33.29 36.75
CA LEU B 219 -23.55 33.40 35.46
C LEU B 219 -24.96 32.90 35.64
N LYS B 220 -25.09 31.78 36.37
CA LYS B 220 -26.41 31.20 36.62
C LYS B 220 -27.36 32.22 37.22
N ALA B 221 -26.98 32.77 38.36
CA ALA B 221 -27.66 33.89 39.00
C ALA B 221 -28.04 35.00 38.03
N LYS B 222 -27.15 35.27 37.07
CA LYS B 222 -27.37 36.31 36.08
C LYS B 222 -28.30 35.81 34.95
N ASN B 223 -28.53 34.50 34.96
CA ASN B 223 -29.31 33.80 33.93
C ASN B 223 -28.68 33.84 32.55
N PHE B 224 -27.35 33.71 32.54
CA PHE B 224 -26.59 33.60 31.30
C PHE B 224 -26.24 32.14 31.03
N GLU B 225 -26.44 31.72 29.80
CA GLU B 225 -26.11 30.36 29.45
C GLU B 225 -24.60 30.18 29.39
N VAL B 226 -24.10 29.09 29.97
CA VAL B 226 -22.70 28.75 29.75
C VAL B 226 -22.59 27.46 28.93
N LEU B 227 -21.75 27.49 27.89
CA LEU B 227 -21.45 26.29 27.10
C LEU B 227 -20.39 25.41 27.81
N PHE B 228 -20.43 24.11 27.56
CA PHE B 228 -19.41 23.24 28.12
C PHE B 228 -18.45 22.76 27.05
N LEU B 229 -17.16 23.07 27.17
CA LEU B 229 -16.19 22.55 26.21
C LEU B 229 -15.19 21.63 26.88
N THR B 230 -15.37 20.34 26.66
CA THR B 230 -14.57 19.33 27.36
C THR B 230 -13.48 18.66 26.49
N ASP B 231 -13.20 19.25 25.33
CA ASP B 231 -12.13 18.79 24.47
C ASP B 231 -11.18 19.91 24.18
N PRO B 232 -9.89 19.59 24.06
CA PRO B 232 -8.85 20.58 23.86
C PRO B 232 -8.93 21.40 22.59
N ILE B 233 -9.27 20.81 21.45
CA ILE B 233 -9.44 21.62 20.26
C ILE B 233 -10.47 22.69 20.51
N ASP B 234 -11.49 22.33 21.31
CA ASP B 234 -12.62 23.22 21.59
C ASP B 234 -12.05 24.54 21.88
N GLU B 235 -11.02 24.54 22.72
CA GLU B 235 -10.34 25.76 23.09
C GLU B 235 -9.60 26.41 21.95
N TYR B 236 -8.70 25.66 21.31
CA TYR B 236 -7.88 26.17 20.21
C TYR B 236 -8.82 26.76 19.15
N ALA B 237 -10.01 26.20 19.04
CA ALA B 237 -10.94 26.67 18.04
C ALA B 237 -11.55 27.96 18.53
N PHE B 238 -12.12 27.91 19.71
CA PHE B 238 -12.67 29.12 20.27
C PHE B 238 -11.71 30.28 20.29
N THR B 239 -10.50 30.07 20.77
CA THR B 239 -9.60 31.18 20.94
C THR B 239 -9.22 31.74 19.59
N GLN B 240 -9.65 31.06 18.54
CA GLN B 240 -9.21 31.42 17.19
C GLN B 240 -10.34 32.07 16.44
N LEU B 241 -11.56 31.66 16.79
CA LEU B 241 -12.80 32.21 16.26
C LEU B 241 -12.93 33.61 16.80
N LYS B 242 -12.62 33.74 18.09
CA LYS B 242 -12.65 34.99 18.84
C LYS B 242 -14.07 35.45 19.20
N GLU B 243 -14.99 35.28 18.24
CA GLU B 243 -16.35 35.77 18.35
C GLU B 243 -17.34 35.16 17.38
N PHE B 244 -18.59 35.34 17.72
CA PHE B 244 -19.68 34.77 16.95
C PHE B 244 -20.64 35.91 16.61
N GLU B 245 -21.09 36.70 17.60
CA GLU B 245 -21.56 38.11 17.37
C GLU B 245 -20.90 38.99 18.43
N GLY B 246 -21.21 38.63 19.69
CA GLY B 246 -20.41 39.01 20.83
C GLY B 246 -19.16 38.15 20.88
N LYS B 247 -18.16 38.64 21.61
CA LYS B 247 -16.93 37.95 21.91
C LYS B 247 -17.22 36.70 22.72
N THR B 248 -16.53 35.60 22.42
CA THR B 248 -16.74 34.33 23.14
C THR B 248 -15.72 34.28 24.27
N LEU B 249 -16.10 33.99 25.53
CA LEU B 249 -15.09 33.90 26.62
C LEU B 249 -15.23 32.82 27.67
N VAL B 250 -14.06 32.27 28.10
CA VAL B 250 -13.96 31.24 29.14
C VAL B 250 -14.24 32.04 30.32
N ASP B 251 -15.03 31.49 31.23
CA ASP B 251 -15.23 32.15 32.50
C ASP B 251 -14.28 31.61 33.56
N ILE B 252 -13.31 30.81 33.15
CA ILE B 252 -12.26 30.41 34.05
C ILE B 252 -11.11 31.39 33.93
N THR B 253 -11.31 32.39 33.08
CA THR B 253 -10.32 33.44 32.82
C THR B 253 -10.88 34.79 33.23
N LYS B 254 -10.01 35.79 33.23
CA LYS B 254 -10.34 37.18 33.50
C LYS B 254 -11.53 37.60 32.67
N ASP B 255 -12.67 37.62 33.34
CA ASP B 255 -13.98 37.97 32.81
C ASP B 255 -14.12 39.47 32.96
N PHE B 256 -15.32 39.97 32.70
CA PHE B 256 -15.77 41.30 33.16
C PHE B 256 -17.20 41.42 32.62
N GLU B 257 -18.21 41.23 33.48
CA GLU B 257 -19.61 41.24 33.00
C GLU B 257 -20.53 42.22 33.67
N LEU B 258 -21.31 42.89 32.82
CA LEU B 258 -22.49 43.61 33.20
C LEU B 258 -22.27 44.80 34.10
N GLU B 259 -23.05 44.77 35.20
CA GLU B 259 -23.24 45.87 36.13
C GLU B 259 -24.23 45.50 37.27
N GLU B 260 -24.60 44.20 37.36
CA GLU B 260 -25.32 43.57 38.53
C GLU B 260 -26.65 44.26 38.91
N THR B 261 -27.43 44.54 37.85
CA THR B 261 -28.49 45.56 37.83
C THR B 261 -28.06 47.04 38.21
N ASP B 262 -26.74 47.28 38.33
CA ASP B 262 -26.12 48.64 38.56
C ASP B 262 -26.07 49.15 39.99
N GLU B 263 -27.04 48.69 40.78
CA GLU B 263 -27.07 48.87 42.22
C GLU B 263 -25.81 48.33 42.85
N GLU B 264 -25.48 47.10 42.47
CA GLU B 264 -24.32 46.39 43.02
C GLU B 264 -23.05 47.06 42.50
N LYS B 265 -23.12 47.47 41.23
CA LYS B 265 -22.13 48.37 40.65
C LYS B 265 -21.77 49.51 41.60
N ALA B 266 -22.77 50.06 42.31
CA ALA B 266 -22.55 51.19 43.24
C ALA B 266 -21.82 50.82 44.54
N GLU B 267 -22.36 49.83 45.25
CA GLU B 267 -21.88 49.46 46.59
C GLU B 267 -20.60 48.64 46.57
N ARG B 268 -20.31 48.10 45.40
CA ARG B 268 -19.12 47.31 45.21
C ARG B 268 -17.83 48.09 45.56
N GLU B 269 -17.63 49.27 44.95
CA GLU B 269 -16.40 50.08 45.15
C GLU B 269 -16.24 50.42 46.62
N LYS B 270 -17.38 50.76 47.25
CA LYS B 270 -17.42 50.99 48.68
C LYS B 270 -16.84 49.79 49.41
N GLU B 271 -17.31 48.59 49.06
CA GLU B 271 -16.79 47.37 49.66
C GLU B 271 -15.37 47.06 49.20
N ILE B 272 -15.12 47.03 47.88
CA ILE B 272 -13.80 46.65 47.38
C ILE B 272 -12.70 47.40 48.11
N LYS B 273 -12.94 48.69 48.34
CA LYS B 273 -11.98 49.55 49.03
C LYS B 273 -11.76 49.10 50.48
N GLU B 274 -12.83 48.73 51.19
CA GLU B 274 -12.71 48.20 52.57
C GLU B 274 -11.76 47.04 52.61
N TYR B 275 -11.76 46.23 51.55
CA TYR B 275 -10.96 45.05 51.56
C TYR B 275 -9.53 45.29 51.11
N GLU B 276 -9.26 46.47 50.57
CA GLU B 276 -7.93 46.77 50.03
C GLU B 276 -6.77 46.35 50.96
N PRO B 277 -6.84 46.67 52.26
CA PRO B 277 -5.72 46.30 53.15
C PRO B 277 -5.60 44.81 53.42
N LEU B 278 -6.69 44.07 53.17
CA LEU B 278 -6.61 42.61 53.16
C LEU B 278 -5.91 42.16 51.87
N THR B 279 -6.48 42.56 50.73
CA THR B 279 -5.88 42.38 49.42
C THR B 279 -4.36 42.45 49.48
N LYS B 280 -3.82 43.58 49.90
CA LYS B 280 -2.38 43.78 49.91
C LYS B 280 -1.72 42.77 50.82
N ALA B 281 -2.36 42.51 51.96
CA ALA B 281 -1.82 41.61 52.97
C ALA B 281 -1.68 40.17 52.46
N LEU B 282 -2.73 39.63 51.87
CA LEU B 282 -2.66 38.28 51.34
C LEU B 282 -1.62 38.17 50.27
N LYS B 283 -1.48 39.20 49.44
CA LYS B 283 -0.48 39.18 48.39
C LYS B 283 0.92 39.16 48.94
N GLU B 284 1.12 39.82 50.08
CA GLU B 284 2.43 39.85 50.76
C GLU B 284 2.84 38.45 51.19
N ILE B 285 1.85 37.62 51.49
CA ILE B 285 2.11 36.25 51.88
C ILE B 285 2.44 35.39 50.67
N LEU B 286 1.53 35.40 49.70
CA LEU B 286 1.63 34.57 48.51
C LEU B 286 2.80 34.89 47.60
N GLY B 287 3.27 36.14 47.67
CA GLY B 287 4.49 36.58 46.98
C GLY B 287 4.37 36.49 45.47
N ASP B 288 5.13 35.59 44.88
CA ASP B 288 5.14 35.42 43.43
C ASP B 288 4.27 34.28 42.91
N GLN B 289 3.90 33.33 43.78
CA GLN B 289 2.98 32.26 43.37
C GLN B 289 1.76 32.85 42.67
N VAL B 290 1.47 34.12 42.95
CA VAL B 290 0.33 34.79 42.36
C VAL B 290 0.76 36.06 41.65
N GLU B 291 -0.06 36.50 40.70
CA GLU B 291 0.09 37.81 40.08
C GLU B 291 -0.56 38.90 40.92
N LYS B 292 -1.80 38.66 41.37
CA LYS B 292 -2.51 39.60 42.25
C LYS B 292 -3.69 38.98 43.00
N VAL B 293 -4.01 39.51 44.16
CA VAL B 293 -5.19 39.12 44.92
C VAL B 293 -6.29 40.13 44.69
N VAL B 294 -7.49 39.63 44.37
CA VAL B 294 -8.62 40.50 44.14
C VAL B 294 -9.91 39.98 44.76
N VAL B 295 -10.86 40.91 44.87
CA VAL B 295 -12.19 40.67 45.40
C VAL B 295 -13.15 40.39 44.26
N SER B 296 -13.88 39.28 44.34
CA SER B 296 -14.78 38.97 43.24
C SER B 296 -16.21 38.86 43.67
N TYR B 297 -17.08 39.35 42.80
CA TYR B 297 -18.48 39.12 43.00
C TYR B 297 -18.94 38.04 42.04
N LYS B 298 -18.00 37.58 41.22
CA LYS B 298 -18.26 36.49 40.28
C LYS B 298 -18.02 35.15 40.95
N LEU B 299 -17.93 35.17 42.27
CA LEU B 299 -17.66 33.99 43.04
C LEU B 299 -18.67 33.91 44.15
N LEU B 300 -19.52 32.89 44.13
CA LEU B 300 -20.55 32.76 45.17
C LEU B 300 -20.19 31.60 46.08
N ASP B 301 -20.57 31.71 47.35
CA ASP B 301 -20.43 30.65 48.37
C ASP B 301 -19.14 29.78 48.29
N ALA B 302 -18.02 30.44 48.04
CA ALA B 302 -16.72 29.81 48.10
C ALA B 302 -15.73 30.87 48.51
N PRO B 303 -14.90 30.58 49.51
CA PRO B 303 -14.02 31.60 50.03
C PRO B 303 -13.20 32.30 48.94
N ALA B 304 -12.43 31.51 48.20
CA ALA B 304 -11.46 32.01 47.24
C ALA B 304 -11.50 31.16 45.99
N ALA B 305 -10.86 31.63 44.93
CA ALA B 305 -10.70 30.87 43.70
C ALA B 305 -9.56 31.47 42.88
N ILE B 306 -9.19 30.77 41.80
CA ILE B 306 -8.10 31.20 40.93
C ILE B 306 -8.50 31.28 39.46
N ARG B 307 -8.28 32.46 38.88
CA ARG B 307 -8.56 32.71 37.47
C ARG B 307 -7.29 33.03 36.78
N THR B 308 -7.00 32.27 35.73
CA THR B 308 -5.83 32.55 34.92
C THR B 308 -6.13 33.84 34.23
N GLY B 309 -5.10 34.54 33.79
CA GLY B 309 -5.27 35.77 33.02
C GLY B 309 -5.96 35.43 31.72
N GLN B 310 -6.86 36.31 31.29
CA GLN B 310 -7.34 36.29 29.90
C GLN B 310 -6.16 36.60 29.00
N PHE B 311 -6.26 36.25 27.73
CA PHE B 311 -5.12 36.33 26.80
C PHE B 311 -3.96 35.41 27.25
N GLY B 312 -4.31 34.20 27.66
CA GLY B 312 -3.33 33.23 28.17
C GLY B 312 -4.02 31.89 28.33
N TRP B 313 -3.26 30.83 28.05
CA TRP B 313 -3.79 29.46 28.02
C TRP B 313 -4.43 28.99 29.29
N SER B 314 -5.65 28.47 29.15
CA SER B 314 -6.54 28.22 30.27
C SER B 314 -5.97 27.23 31.26
N ALA B 315 -6.55 27.26 32.46
CA ALA B 315 -6.22 26.31 33.50
C ALA B 315 -6.17 24.93 32.91
N ASN B 316 -7.19 24.62 32.12
CA ASN B 316 -7.35 23.32 31.47
C ASN B 316 -6.16 22.96 30.60
N MET B 317 -5.56 23.97 29.98
CA MET B 317 -4.41 23.79 29.08
C MET B 317 -3.16 23.50 29.88
N GLU B 318 -2.93 24.29 30.94
CA GLU B 318 -1.83 24.12 31.89
C GLU B 318 -1.78 22.68 32.42
N ARG B 319 -2.91 22.25 32.98
CA ARG B 319 -3.15 20.87 33.42
C ARG B 319 -2.53 19.83 32.50
N ILE B 320 -2.51 20.17 31.21
CA ILE B 320 -2.00 19.29 30.17
C ILE B 320 -0.51 19.53 29.88
N MET B 321 -0.12 20.78 29.64
CA MET B 321 1.29 21.15 29.45
C MET B 321 2.09 20.70 30.69
N LYS B 322 1.40 20.63 31.83
CA LYS B 322 2.08 20.37 33.10
C LYS B 322 2.11 18.90 33.46
N ALA B 323 1.08 18.17 33.07
CA ALA B 323 1.08 16.73 33.30
C ALA B 323 2.19 16.06 32.49
N GLN B 324 2.65 16.75 31.43
CA GLN B 324 3.73 16.30 30.55
C GLN B 324 5.12 16.36 31.18
N ALA B 325 5.46 17.51 31.76
CA ALA B 325 6.75 17.68 32.42
C ALA B 325 6.91 16.61 33.48
N LEU B 326 5.76 16.19 34.02
CA LEU B 326 5.67 15.15 35.05
C LEU B 326 5.59 13.74 34.44
N ARG B 327 6.16 13.60 33.24
CA ARG B 327 6.33 12.31 32.54
C ARG B 327 7.68 12.40 31.86
N ASP B 328 8.03 13.63 31.46
CA ASP B 328 9.36 13.98 31.01
C ASP B 328 10.23 14.24 32.25
N SER B 329 11.12 13.31 32.57
CA SER B 329 12.10 13.56 33.63
C SER B 329 13.19 14.45 33.02
N SER B 330 12.81 15.70 32.72
CA SER B 330 13.68 16.71 32.09
C SER B 330 13.10 18.14 32.05
N MET B 331 11.77 18.28 32.14
CA MET B 331 11.14 19.59 32.02
C MET B 331 10.98 20.27 33.38
N SER B 332 11.15 21.59 33.40
CA SER B 332 11.17 22.38 34.65
C SER B 332 9.91 23.26 34.86
N SER B 333 9.55 24.02 33.82
CA SER B 333 8.24 24.69 33.71
C SER B 333 7.76 24.60 32.24
N TYR B 334 7.18 25.69 31.69
CA TYR B 334 6.68 25.70 30.29
C TYR B 334 6.30 27.10 29.74
N MET B 335 5.01 27.42 29.85
CA MET B 335 4.48 28.78 29.72
C MET B 335 3.76 29.10 31.03
N SER B 336 2.99 28.11 31.52
CA SER B 336 2.10 28.23 32.70
C SER B 336 0.91 29.20 32.45
N SER B 337 1.00 30.40 33.05
CA SER B 337 -0.03 31.42 32.97
C SER B 337 -0.05 32.19 34.28
N LYS B 338 -0.45 33.45 34.16
CA LYS B 338 -0.55 34.31 35.32
C LYS B 338 -1.81 34.01 36.13
N LYS B 339 -1.65 33.89 37.43
CA LYS B 339 -2.74 33.48 38.27
C LYS B 339 -3.33 34.65 39.08
N THR B 340 -4.64 34.70 39.18
CA THR B 340 -5.29 35.74 39.93
C THR B 340 -6.12 35.09 41.01
N PHE B 341 -5.77 35.40 42.26
CA PHE B 341 -6.37 34.83 43.45
C PHE B 341 -7.58 35.62 43.89
N GLU B 342 -8.76 35.02 43.78
CA GLU B 342 -10.00 35.75 43.98
C GLU B 342 -10.60 35.49 45.36
N ILE B 343 -11.04 36.57 46.00
CA ILE B 343 -11.65 36.53 47.33
C ILE B 343 -13.13 36.89 47.31
N SER B 344 -13.95 36.08 48.00
CA SER B 344 -15.41 36.34 48.12
C SER B 344 -15.78 36.87 49.49
N PRO B 345 -16.19 38.14 49.55
CA PRO B 345 -16.49 38.84 50.82
C PRO B 345 -17.72 38.28 51.49
N LYS B 346 -18.62 37.70 50.70
CA LYS B 346 -19.80 36.99 51.20
C LYS B 346 -19.46 35.74 52.01
N SER B 347 -18.29 35.15 51.80
CA SER B 347 -17.91 33.98 52.58
C SER B 347 -17.33 34.39 53.94
N PRO B 348 -17.95 33.90 55.04
CA PRO B 348 -17.62 34.30 56.40
C PRO B 348 -16.14 34.12 56.66
N ILE B 349 -15.58 33.08 56.09
CA ILE B 349 -14.16 32.78 56.18
C ILE B 349 -13.28 33.99 55.82
N ILE B 350 -13.70 34.70 54.78
CA ILE B 350 -13.02 35.90 54.36
C ILE B 350 -13.31 37.03 55.34
N LYS B 351 -14.58 37.31 55.61
CA LYS B 351 -14.97 38.35 56.57
C LYS B 351 -14.05 38.31 57.79
N GLU B 352 -13.74 37.09 58.22
CA GLU B 352 -12.93 36.79 59.40
C GLU B 352 -11.47 37.17 59.25
N LEU B 353 -10.89 36.81 58.12
CA LEU B 353 -9.51 37.17 57.82
C LEU B 353 -9.30 38.67 57.79
N LYS B 354 -10.29 39.38 57.22
CA LYS B 354 -10.31 40.85 57.25
C LYS B 354 -10.20 41.29 58.71
N LYS B 355 -11.01 40.66 59.57
CA LYS B 355 -11.06 41.04 60.98
C LYS B 355 -9.70 40.97 61.64
N ARG B 356 -8.99 39.88 61.39
CA ARG B 356 -7.69 39.69 62.00
C ARG B 356 -6.66 40.67 61.46
N VAL B 357 -6.82 41.06 60.20
CA VAL B 357 -5.96 42.05 59.54
C VAL B 357 -6.23 43.49 60.04
N ASP B 358 -7.52 43.82 60.15
CA ASP B 358 -7.99 45.06 60.72
C ASP B 358 -7.72 45.06 62.21
N GLU B 359 -6.85 44.15 62.66
CA GLU B 359 -6.45 44.03 64.06
C GLU B 359 -4.96 43.69 64.21
N GLY B 360 -4.12 44.37 63.42
CA GLY B 360 -2.67 44.16 63.41
C GLY B 360 -2.21 42.77 62.99
N GLY B 361 -3.15 41.82 62.88
CA GLY B 361 -2.82 40.45 62.52
C GLY B 361 -2.42 40.25 61.07
N ALA B 362 -1.64 41.21 60.56
CA ALA B 362 -1.13 41.19 59.19
C ALA B 362 -0.10 40.07 58.92
N GLN B 363 0.61 39.63 59.96
CA GLN B 363 1.64 38.62 59.80
C GLN B 363 1.53 37.57 60.88
N ASP B 364 0.31 37.14 61.20
CA ASP B 364 0.12 36.03 62.14
C ASP B 364 0.44 34.72 61.45
N LYS B 365 1.18 33.85 62.15
CA LYS B 365 1.46 32.48 61.68
C LYS B 365 0.13 31.80 61.40
N THR B 366 -0.87 32.11 62.22
CA THR B 366 -2.23 31.65 62.01
C THR B 366 -2.86 32.21 60.72
N VAL B 367 -2.70 33.52 60.49
CA VAL B 367 -3.24 34.17 59.28
C VAL B 367 -2.45 33.80 58.02
N LYS B 368 -1.13 33.62 58.18
CA LYS B 368 -0.29 33.11 57.12
C LYS B 368 -0.79 31.72 56.68
N ASP B 369 -0.93 30.83 57.65
CA ASP B 369 -1.28 29.43 57.42
C ASP B 369 -2.63 29.28 56.75
N LEU B 370 -3.55 30.16 57.10
CA LEU B 370 -4.90 30.12 56.55
C LEU B 370 -4.93 30.56 55.07
N THR B 371 -4.24 31.66 54.80
CA THR B 371 -4.02 32.19 53.47
C THR B 371 -3.42 31.14 52.57
N LYS B 372 -2.24 30.68 52.96
CA LYS B 372 -1.52 29.68 52.21
C LYS B 372 -2.48 28.52 51.89
N LEU B 373 -3.17 28.02 52.92
CA LEU B 373 -4.04 26.84 52.79
C LEU B 373 -5.21 27.11 51.89
N LEU B 374 -5.79 28.29 52.03
CA LEU B 374 -6.89 28.72 51.18
C LEU B 374 -6.48 28.74 49.74
N TYR B 375 -5.24 29.13 49.53
CA TYR B 375 -4.66 29.21 48.21
C TYR B 375 -4.51 27.85 47.56
N GLU B 376 -3.79 26.97 48.23
CA GLU B 376 -3.60 25.62 47.73
C GLU B 376 -4.95 25.01 47.34
N THR B 377 -5.93 25.18 48.24
CA THR B 377 -7.29 24.72 48.02
C THR B 377 -7.87 25.28 46.73
N ALA B 378 -7.72 26.59 46.53
CA ALA B 378 -8.17 27.24 45.30
C ALA B 378 -7.62 26.53 44.06
N LEU B 379 -6.33 26.24 44.05
CA LEU B 379 -5.72 25.43 43.02
C LEU B 379 -6.44 24.09 42.75
N LEU B 380 -6.77 23.36 43.81
CA LEU B 380 -7.55 22.14 43.66
C LEU B 380 -8.91 22.42 43.07
N THR B 381 -9.71 23.21 43.80
CA THR B 381 -11.05 23.67 43.39
C THR B 381 -11.10 24.20 41.94
N SER B 382 -10.15 25.08 41.61
CA SER B 382 -10.07 25.70 40.29
C SER B 382 -9.32 24.78 39.30
N GLY B 383 -9.26 23.49 39.59
CA GLY B 383 -8.69 22.49 38.66
C GLY B 383 -7.24 22.76 38.31
N PHE B 384 -6.39 22.69 39.33
CA PHE B 384 -4.95 22.79 39.18
C PHE B 384 -4.36 21.71 40.08
N SER B 385 -3.13 21.28 39.80
CA SER B 385 -2.33 20.53 40.77
C SER B 385 -1.64 21.57 41.63
N LEU B 386 -1.35 21.21 42.87
CA LEU B 386 -0.82 22.16 43.89
C LEU B 386 0.70 22.27 43.94
N ASP B 387 1.22 22.73 45.07
CA ASP B 387 2.68 22.86 45.25
C ASP B 387 3.27 22.04 46.40
N GLU B 388 3.59 20.79 46.08
CA GLU B 388 4.42 19.90 46.91
C GLU B 388 3.63 19.25 48.02
N PRO B 389 3.95 18.00 48.33
CA PRO B 389 3.14 17.28 49.27
C PRO B 389 3.35 17.93 50.63
N THR B 390 4.49 17.64 51.25
CA THR B 390 4.97 18.25 52.49
C THR B 390 4.15 19.45 52.91
N SER B 391 4.58 20.62 52.47
CA SER B 391 3.95 21.87 52.84
C SER B 391 2.44 21.71 53.11
N PHE B 392 1.76 21.07 52.17
CA PHE B 392 0.30 20.96 52.24
C PHE B 392 -0.20 20.00 53.29
N ALA B 393 0.41 18.81 53.33
CA ALA B 393 0.16 17.86 54.38
C ALA B 393 0.23 18.61 55.68
N SER B 394 1.44 19.01 56.03
CA SER B 394 1.69 19.80 57.23
C SER B 394 0.53 20.75 57.54
N ARG B 395 0.23 21.68 56.63
CA ARG B 395 -0.80 22.69 56.86
C ARG B 395 -2.10 22.14 57.38
N ILE B 396 -2.48 20.99 56.86
CA ILE B 396 -3.75 20.37 57.20
C ILE B 396 -3.73 19.74 58.61
N ASN B 397 -2.77 18.86 58.86
CA ASN B 397 -2.64 18.27 60.17
C ASN B 397 -2.74 19.30 61.28
N ARG B 398 -2.08 20.46 61.11
CA ARG B 398 -2.10 21.55 62.12
C ARG B 398 -3.44 22.22 62.22
N LEU B 399 -4.09 22.32 61.08
CA LEU B 399 -5.36 22.98 60.98
C LEU B 399 -6.45 21.95 61.19
N ILE B 400 -5.98 20.74 61.55
CA ILE B 400 -6.69 19.69 62.28
C ILE B 400 -6.23 19.82 63.75
N SER B 401 -4.91 19.79 63.96
CA SER B 401 -4.21 19.85 65.28
C SER B 401 -4.64 20.97 66.22
N LEU B 402 -4.68 22.19 65.67
CA LEU B 402 -5.16 23.35 66.39
C LEU B 402 -6.67 23.35 66.31
N GLY B 403 -7.19 22.81 65.22
CA GLY B 403 -8.61 22.55 65.09
C GLY B 403 -9.24 21.63 66.14
N LEU B 404 -8.44 21.11 67.07
CA LEU B 404 -8.98 20.28 68.17
C LEU B 404 -8.41 20.61 69.57
N ASN B 405 -7.12 20.29 69.79
CA ASN B 405 -6.51 20.35 71.13
C ASN B 405 -6.52 21.73 71.82
N THR C 1 -26.70 3.71 15.10
CA THR C 1 -25.41 3.33 14.44
C THR C 1 -24.50 2.71 15.47
N LYS C 2 -23.83 1.59 15.13
CA LYS C 2 -22.79 1.06 16.03
C LYS C 2 -21.87 0.05 15.39
N PRO C 3 -20.53 0.19 15.62
CA PRO C 3 -19.55 -0.61 14.90
C PRO C 3 -19.80 -2.11 15.08
N LEU C 4 -19.71 -2.85 13.99
CA LEU C 4 -20.11 -4.26 14.00
C LEU C 4 -19.58 -5.03 15.20
N TRP C 5 -18.31 -4.79 15.53
CA TRP C 5 -17.70 -5.57 16.57
C TRP C 5 -18.19 -5.29 17.94
N THR C 6 -18.77 -4.11 18.16
CA THR C 6 -19.43 -3.88 19.43
C THR C 6 -20.72 -4.70 19.58
N ARG C 7 -21.37 -5.06 18.47
CA ARG C 7 -22.64 -5.77 18.54
C ARG C 7 -22.53 -7.21 19.04
N ASN C 8 -23.65 -7.83 19.36
CA ASN C 8 -23.65 -9.18 19.89
C ASN C 8 -23.68 -10.16 18.73
N PRO C 9 -22.75 -11.11 18.69
CA PRO C 9 -22.64 -12.10 17.61
C PRO C 9 -23.97 -12.79 17.23
N SER C 10 -24.77 -13.16 18.22
CA SER C 10 -26.04 -13.84 17.99
C SER C 10 -27.04 -12.96 17.24
N ASP C 11 -26.58 -11.76 16.86
CA ASP C 11 -27.48 -10.63 16.51
C ASP C 11 -26.91 -9.81 15.30
N ILE C 12 -25.74 -10.25 14.85
CA ILE C 12 -25.21 -9.94 13.52
C ILE C 12 -25.47 -11.18 12.65
N THR C 13 -26.00 -10.93 11.45
CA THR C 13 -26.25 -11.98 10.47
C THR C 13 -24.93 -12.36 9.82
N GLN C 14 -24.90 -13.49 9.09
CA GLN C 14 -23.79 -13.78 8.13
C GLN C 14 -23.99 -12.66 7.11
N GLU C 15 -23.21 -12.55 6.03
CA GLU C 15 -23.53 -11.42 5.07
C GLU C 15 -23.07 -10.05 5.56
N GLU C 16 -23.41 -9.70 6.79
CA GLU C 16 -22.72 -8.64 7.49
C GLU C 16 -21.26 -9.03 7.71
N TYR C 17 -20.99 -10.18 8.33
CA TYR C 17 -19.60 -10.54 8.56
C TYR C 17 -18.94 -10.66 7.24
N ASN C 18 -19.67 -11.24 6.31
CA ASN C 18 -19.13 -11.60 5.04
C ASN C 18 -18.68 -10.39 4.28
N ALA C 19 -19.49 -9.34 4.32
CA ALA C 19 -19.11 -8.06 3.73
C ALA C 19 -18.02 -7.32 4.55
N PHE C 20 -18.00 -7.58 5.85
CA PHE C 20 -17.02 -6.96 6.65
C PHE C 20 -15.70 -7.59 6.24
N TYR C 21 -15.69 -8.93 6.15
CA TYR C 21 -14.48 -9.68 5.85
C TYR C 21 -13.89 -9.19 4.54
N LYS C 22 -14.75 -9.21 3.52
CA LYS C 22 -14.43 -8.79 2.17
C LYS C 22 -13.83 -7.37 2.06
N SER C 23 -14.29 -6.46 2.91
CA SER C 23 -13.87 -5.08 2.87
C SER C 23 -12.48 -4.90 3.44
N ILE C 24 -12.06 -5.86 4.27
CA ILE C 24 -10.82 -5.83 5.02
C ILE C 24 -9.76 -6.78 4.46
N SER C 25 -10.13 -7.56 3.45
CA SER C 25 -9.32 -8.72 3.11
C SER C 25 -8.89 -8.82 1.68
N ASN C 26 -9.61 -8.20 0.75
CA ASN C 26 -9.37 -8.50 -0.66
C ASN C 26 -9.41 -9.99 -0.97
N ASP C 27 -10.29 -10.71 -0.29
CA ASP C 27 -10.50 -12.09 -0.66
C ASP C 27 -11.80 -12.09 -1.47
N TRP C 28 -11.82 -12.76 -2.62
CA TRP C 28 -13.05 -12.77 -3.38
C TRP C 28 -14.04 -13.72 -2.75
N GLU C 29 -13.51 -14.64 -1.95
CA GLU C 29 -14.27 -15.73 -1.40
C GLU C 29 -14.80 -15.36 -0.01
N ASP C 30 -15.78 -16.09 0.54
CA ASP C 30 -16.25 -15.79 1.90
C ASP C 30 -15.28 -16.37 2.94
N PRO C 31 -15.37 -15.95 4.20
CA PRO C 31 -14.41 -16.45 5.13
C PRO C 31 -14.79 -17.86 5.55
N LEU C 32 -13.83 -18.68 5.95
CA LEU C 32 -14.08 -20.08 6.28
C LEU C 32 -14.82 -20.19 7.61
N TYR C 33 -14.47 -19.28 8.52
CA TYR C 33 -14.95 -19.23 9.87
C TYR C 33 -14.70 -17.84 10.42
N VAL C 34 -15.67 -17.39 11.22
CA VAL C 34 -15.58 -16.08 11.88
C VAL C 34 -15.67 -16.25 13.39
N LYS C 35 -14.61 -15.91 14.13
CA LYS C 35 -14.63 -15.97 15.59
C LYS C 35 -14.75 -14.57 16.11
N HIS C 36 -15.86 -14.31 16.77
CA HIS C 36 -16.20 -12.99 17.22
C HIS C 36 -16.53 -13.15 18.69
N PHE C 37 -15.71 -12.57 19.55
CA PHE C 37 -15.84 -12.81 21.00
C PHE C 37 -15.52 -11.53 21.75
N SER C 38 -15.70 -11.58 23.06
CA SER C 38 -15.33 -10.45 23.90
C SER C 38 -14.77 -10.92 25.23
N VAL C 39 -13.69 -10.29 25.66
CA VAL C 39 -13.10 -10.64 26.91
C VAL C 39 -13.53 -9.56 27.87
N GLU C 40 -13.73 -9.98 29.12
CA GLU C 40 -14.04 -9.06 30.20
C GLU C 40 -13.26 -9.53 31.40
N GLY C 41 -13.18 -8.68 32.42
CA GLY C 41 -12.44 -9.03 33.63
C GLY C 41 -11.36 -8.02 33.94
N GLN C 42 -10.20 -8.53 34.35
CA GLN C 42 -8.97 -7.77 34.46
C GLN C 42 -8.91 -6.76 33.30
N LEU C 43 -8.84 -7.27 32.07
CA LEU C 43 -8.82 -6.42 30.90
C LEU C 43 -10.01 -6.68 30.00
N GLU C 44 -10.30 -5.73 29.12
CA GLU C 44 -11.46 -5.87 28.26
C GLU C 44 -11.17 -5.54 26.81
N PHE C 45 -11.71 -6.38 25.94
CA PHE C 45 -11.75 -6.09 24.56
C PHE C 45 -12.73 -7.00 23.92
N ARG C 46 -13.05 -6.66 22.68
CA ARG C 46 -13.92 -7.41 21.79
C ARG C 46 -13.09 -7.65 20.53
N ALA C 47 -13.39 -8.69 19.77
CA ALA C 47 -12.70 -8.89 18.50
C ALA C 47 -13.54 -9.66 17.49
N ILE C 48 -13.15 -9.55 16.23
CA ILE C 48 -13.72 -10.42 15.23
C ILE C 48 -12.53 -10.73 14.39
N LEU C 49 -12.21 -12.01 14.37
CA LEU C 49 -11.06 -12.47 13.65
C LEU C 49 -11.64 -13.38 12.60
N PHE C 50 -11.01 -13.39 11.44
CA PHE C 50 -11.51 -14.26 10.44
C PHE C 50 -10.50 -15.31 10.06
N ILE C 51 -11.00 -16.51 9.73
CA ILE C 51 -10.18 -17.54 9.11
C ILE C 51 -10.52 -17.66 7.63
N PRO C 52 -9.59 -17.35 6.74
CA PRO C 52 -9.74 -17.57 5.30
C PRO C 52 -9.88 -19.07 4.90
N LYS C 53 -10.41 -19.33 3.70
CA LYS C 53 -10.58 -20.70 3.22
C LYS C 53 -9.25 -21.21 2.72
N ARG C 54 -8.43 -20.26 2.27
CA ARG C 54 -7.17 -20.51 1.59
C ARG C 54 -6.14 -19.54 2.07
N ALA C 55 -4.89 -19.94 2.13
CA ALA C 55 -3.88 -19.05 2.69
C ALA C 55 -3.72 -17.86 1.79
N PRO C 56 -3.83 -16.65 2.35
CA PRO C 56 -3.71 -15.41 1.66
C PRO C 56 -2.33 -15.16 1.24
N PHE C 57 -1.40 -15.89 1.80
CA PHE C 57 0.03 -15.86 1.43
C PHE C 57 0.57 -17.02 2.27
N ASP C 58 1.80 -17.52 2.04
CA ASP C 58 2.31 -18.45 3.06
C ASP C 58 3.54 -17.97 3.80
N LEU C 59 3.64 -18.27 5.11
CA LEU C 59 4.91 -18.08 5.87
C LEU C 59 5.98 -18.92 5.21
N PHE C 60 7.22 -18.51 5.28
CA PHE C 60 8.25 -19.15 4.48
C PHE C 60 7.83 -19.09 3.02
N GLU C 61 8.70 -18.70 2.11
CA GLU C 61 8.24 -18.51 0.71
C GLU C 61 7.40 -17.25 0.75
N SER C 62 6.75 -16.93 -0.34
CA SER C 62 5.61 -15.98 -0.17
C SER C 62 5.94 -14.74 0.64
N LYS C 63 6.99 -14.04 0.23
CA LYS C 63 7.45 -12.76 0.79
C LYS C 63 7.37 -12.76 2.29
N LYS C 64 6.88 -11.70 2.96
CA LYS C 64 6.61 -11.71 4.42
C LYS C 64 6.10 -10.38 5.05
N LYS C 65 4.78 -10.18 5.02
CA LYS C 65 4.22 -8.91 5.52
C LYS C 65 3.74 -9.00 6.96
N LYS C 66 3.65 -7.81 7.58
CA LYS C 66 3.09 -7.69 8.92
C LYS C 66 1.59 -7.87 8.92
N ASN C 67 1.13 -8.39 10.03
CA ASN C 67 -0.26 -8.66 10.18
C ASN C 67 -1.00 -7.34 10.16
N ASN C 68 -2.24 -7.36 9.69
CA ASN C 68 -2.91 -6.10 9.41
C ASN C 68 -4.25 -6.00 10.09
N ILE C 69 -4.43 -6.80 11.14
CA ILE C 69 -5.60 -6.71 11.99
C ILE C 69 -5.74 -5.27 12.45
N LYS C 70 -6.94 -4.72 12.35
CA LYS C 70 -7.20 -3.31 12.70
C LYS C 70 -7.27 -3.12 14.19
N LEU C 71 -6.23 -2.53 14.77
CA LEU C 71 -6.26 -2.26 16.21
C LEU C 71 -6.94 -0.96 16.62
N TYR C 72 -7.98 -1.10 17.46
CA TYR C 72 -8.80 0.03 17.98
C TYR C 72 -8.68 0.19 19.48
N VAL C 73 -8.61 1.42 19.98
CA VAL C 73 -8.78 1.54 21.42
C VAL C 73 -9.89 2.49 21.83
N ARG C 74 -10.79 1.97 22.63
CA ARG C 74 -11.98 2.68 22.98
C ARG C 74 -12.76 3.09 21.72
N ARG C 75 -12.84 2.19 20.74
CA ARG C 75 -13.67 2.42 19.55
C ARG C 75 -13.05 3.46 18.58
N VAL C 76 -11.78 3.76 18.78
CA VAL C 76 -11.03 4.67 17.89
C VAL C 76 -9.87 3.96 17.14
N PHE C 77 -9.93 4.02 15.81
CA PHE C 77 -8.90 3.35 15.05
C PHE C 77 -7.48 3.84 15.38
N ILE C 78 -6.61 2.94 15.80
CA ILE C 78 -5.23 3.37 16.01
C ILE C 78 -4.28 2.98 14.89
N THR C 79 -4.34 1.72 14.48
CA THR C 79 -3.37 1.18 13.52
C THR C 79 -3.72 -0.21 13.00
N ASP C 80 -3.22 -0.52 11.82
CA ASP C 80 -3.29 -1.89 11.39
C ASP C 80 -1.88 -2.39 11.16
N GLU C 81 -0.96 -1.82 11.92
CA GLU C 81 0.39 -2.32 11.99
C GLU C 81 0.77 -2.50 13.44
N ALA C 82 -0.08 -3.21 14.17
CA ALA C 82 0.10 -3.48 15.61
C ALA C 82 1.40 -4.17 15.98
N GLU C 83 1.99 -3.62 17.03
CA GLU C 83 3.24 -4.10 17.54
C GLU C 83 2.88 -5.30 18.45
N ASP C 84 3.17 -6.53 18.00
CA ASP C 84 3.01 -7.76 18.81
C ASP C 84 1.58 -8.06 19.29
N LEU C 85 0.59 -7.87 18.43
CA LEU C 85 -0.78 -8.20 18.81
C LEU C 85 -1.08 -9.62 18.51
N ILE C 86 -0.26 -10.24 17.68
CA ILE C 86 -0.49 -11.61 17.28
C ILE C 86 0.79 -12.27 16.79
N PRO C 87 0.94 -13.58 17.06
CA PRO C 87 2.25 -14.20 16.67
C PRO C 87 2.38 -14.50 15.18
N GLU C 88 3.62 -14.60 14.71
CA GLU C 88 3.87 -14.83 13.32
C GLU C 88 3.14 -16.08 12.84
N TRP C 89 3.08 -17.14 13.63
CA TRP C 89 2.38 -18.32 13.16
C TRP C 89 0.91 -18.17 12.89
N LEU C 90 0.33 -17.06 13.33
CA LEU C 90 -1.01 -16.69 12.94
C LEU C 90 -1.11 -15.45 12.08
N SER C 91 -0.08 -15.06 11.34
CA SER C 91 -0.16 -13.80 10.62
C SER C 91 -1.34 -13.73 9.61
N PHE C 92 -1.83 -14.88 9.21
CA PHE C 92 -2.88 -14.95 8.22
C PHE C 92 -4.23 -14.54 8.74
N VAL C 93 -4.36 -14.31 10.03
CA VAL C 93 -5.67 -13.99 10.57
C VAL C 93 -6.05 -12.50 10.36
N LYS C 94 -7.34 -12.22 10.23
CA LYS C 94 -7.77 -10.92 9.75
C LYS C 94 -8.95 -10.41 10.53
N GLY C 95 -9.10 -9.10 10.65
CA GLY C 95 -10.19 -8.55 11.43
C GLY C 95 -9.90 -7.34 12.32
N VAL C 96 -10.58 -7.25 13.44
CA VAL C 96 -10.46 -6.12 14.32
C VAL C 96 -10.41 -6.50 15.78
N VAL C 97 -9.56 -5.80 16.48
CA VAL C 97 -9.50 -5.87 17.91
C VAL C 97 -9.65 -4.44 18.45
N ASP C 98 -10.47 -4.29 19.49
CA ASP C 98 -10.79 -3.00 20.08
C ASP C 98 -10.58 -3.12 21.58
N SER C 99 -9.43 -2.65 22.08
CA SER C 99 -9.13 -2.66 23.51
C SER C 99 -9.68 -1.47 24.24
N GLU C 100 -10.05 -1.73 25.49
CA GLU C 100 -10.54 -0.69 26.37
C GLU C 100 -9.40 -0.11 27.23
N ASP C 101 -8.32 -0.86 27.41
CA ASP C 101 -7.30 -0.47 28.39
C ASP C 101 -6.00 0.05 27.83
N LEU C 102 -5.68 -0.25 26.58
CA LEU C 102 -4.44 0.27 25.99
C LEU C 102 -4.37 1.78 26.06
N PRO C 103 -3.29 2.32 26.63
CA PRO C 103 -3.06 3.75 26.77
C PRO C 103 -2.58 4.37 25.49
N LEU C 104 -3.03 5.58 25.19
CA LEU C 104 -2.57 6.33 24.02
C LEU C 104 -1.49 7.36 24.37
N ASN C 105 -0.57 7.65 23.44
CA ASN C 105 0.43 8.71 23.66
C ASN C 105 1.19 8.63 24.97
N LEU C 106 1.60 7.39 25.28
CA LEU C 106 2.55 7.07 26.38
C LEU C 106 3.98 6.83 25.88
N SER C 107 4.96 7.42 26.56
CA SER C 107 6.32 7.18 26.18
C SER C 107 6.45 5.69 26.07
N ARG C 108 7.33 5.26 25.18
CA ARG C 108 7.64 3.85 24.95
C ARG C 108 8.34 3.26 26.16
N GLU C 109 8.79 4.15 27.04
CA GLU C 109 9.37 3.77 28.33
C GLU C 109 8.34 3.03 29.20
N MET C 110 7.10 3.46 29.11
CA MET C 110 6.11 2.82 29.92
C MET C 110 5.85 1.43 29.45
N LEU C 111 6.52 0.46 30.01
CA LEU C 111 6.26 -0.87 29.55
C LEU C 111 4.86 -1.47 29.93
N GLN C 112 4.09 -0.82 30.79
CA GLN C 112 2.76 -1.34 31.12
C GLN C 112 2.07 -1.67 29.81
N GLN C 113 2.28 -0.82 28.81
CA GLN C 113 1.50 -0.96 27.58
C GLN C 113 1.78 -2.27 26.84
N ASN C 114 3.06 -2.62 26.72
CA ASN C 114 3.46 -3.89 26.13
C ASN C 114 2.85 -5.03 26.88
N LYS C 115 2.87 -4.96 28.21
CA LYS C 115 2.31 -6.03 29.04
C LYS C 115 0.83 -6.17 28.66
N ILE C 116 0.08 -5.06 28.63
CA ILE C 116 -1.31 -5.16 28.23
C ILE C 116 -1.43 -5.81 26.86
N MET C 117 -0.60 -5.35 25.93
CA MET C 117 -0.60 -5.86 24.57
C MET C 117 -0.38 -7.34 24.59
N LYS C 118 0.47 -7.75 25.53
CA LYS C 118 0.88 -9.12 25.63
C LYS C 118 -0.27 -10.01 26.14
N VAL C 119 -1.18 -9.44 26.92
CA VAL C 119 -2.26 -10.27 27.44
C VAL C 119 -3.43 -10.22 26.50
N ILE C 120 -3.52 -9.18 25.71
CA ILE C 120 -4.47 -9.23 24.63
C ILE C 120 -4.09 -10.36 23.67
N ARG C 121 -2.81 -10.49 23.38
CA ARG C 121 -2.38 -11.43 22.35
C ARG C 121 -2.64 -12.85 22.85
N LYS C 122 -2.34 -13.07 24.12
CA LYS C 122 -2.42 -14.41 24.69
C LYS C 122 -3.83 -14.87 24.58
N ASN C 123 -4.75 -13.96 24.82
CA ASN C 123 -6.13 -14.24 24.68
C ASN C 123 -6.54 -14.53 23.22
N ILE C 124 -6.21 -13.63 22.30
CA ILE C 124 -6.49 -13.92 20.94
C ILE C 124 -6.14 -15.39 20.72
N VAL C 125 -4.90 -15.78 21.03
CA VAL C 125 -4.40 -17.08 20.62
C VAL C 125 -5.28 -18.19 21.18
N LYS C 126 -5.72 -17.96 22.39
CA LYS C 126 -6.58 -18.89 23.07
C LYS C 126 -7.82 -18.99 22.22
N LYS C 127 -8.55 -17.93 22.14
CA LYS C 127 -9.71 -17.97 21.32
C LYS C 127 -9.53 -18.63 19.95
N LEU C 128 -8.38 -18.44 19.32
CA LEU C 128 -8.25 -18.94 17.96
C LEU C 128 -8.14 -20.44 17.96
N ILE C 129 -7.42 -20.98 18.93
CA ILE C 129 -7.27 -22.42 19.04
C ILE C 129 -8.64 -23.01 19.35
N GLU C 130 -9.37 -22.29 20.18
CA GLU C 130 -10.72 -22.65 20.44
C GLU C 130 -11.42 -22.76 19.07
N ALA C 131 -11.12 -21.84 18.17
CA ALA C 131 -11.83 -21.83 16.91
C ALA C 131 -11.41 -23.01 16.05
N PHE C 132 -10.12 -23.26 15.99
CA PHE C 132 -9.65 -24.39 15.23
C PHE C 132 -10.21 -25.70 15.78
N ASN C 133 -10.31 -25.81 17.10
CA ASN C 133 -10.91 -26.99 17.70
C ASN C 133 -12.33 -27.20 17.25
N GLU C 134 -13.01 -26.08 16.95
CA GLU C 134 -14.41 -26.09 16.54
C GLU C 134 -14.48 -26.55 15.10
N ILE C 135 -13.57 -26.04 14.28
CA ILE C 135 -13.54 -26.36 12.87
C ILE C 135 -13.26 -27.84 12.77
N ALA C 136 -12.32 -28.31 13.59
CA ALA C 136 -12.01 -29.73 13.68
C ALA C 136 -13.25 -30.60 13.76
N GLU C 137 -14.31 -30.06 14.35
CA GLU C 137 -15.52 -30.81 14.43
C GLU C 137 -16.06 -31.14 13.05
N ASP C 138 -15.94 -30.23 12.10
CA ASP C 138 -16.48 -30.47 10.77
C ASP C 138 -15.39 -31.01 9.82
N SER C 139 -15.64 -32.21 9.30
CA SER C 139 -14.65 -32.89 8.51
C SER C 139 -14.33 -32.07 7.29
N GLU C 140 -15.35 -31.69 6.52
CA GLU C 140 -15.10 -30.98 5.27
C GLU C 140 -14.43 -29.63 5.56
N GLN C 141 -14.94 -28.92 6.59
CA GLN C 141 -14.46 -27.57 6.97
C GLN C 141 -12.96 -27.68 7.31
N PHE C 142 -12.62 -28.66 8.14
CA PHE C 142 -11.25 -28.85 8.55
C PHE C 142 -10.38 -29.17 7.39
N GLU C 143 -10.86 -30.05 6.53
CA GLU C 143 -10.06 -30.45 5.38
C GLU C 143 -9.40 -29.20 4.80
N LYS C 144 -10.15 -28.11 4.65
CA LYS C 144 -9.60 -26.96 3.96
C LYS C 144 -8.75 -26.11 4.84
N PHE C 145 -9.20 -25.95 6.09
CA PHE C 145 -8.36 -25.28 7.08
C PHE C 145 -7.03 -25.94 7.17
N TYR C 146 -7.00 -27.28 7.28
CA TYR C 146 -5.69 -27.96 7.46
C TYR C 146 -4.83 -27.74 6.25
N SER C 147 -5.47 -27.93 5.10
CA SER C 147 -4.83 -27.89 3.81
C SER C 147 -4.12 -26.55 3.62
N ALA C 148 -4.63 -25.52 4.28
CA ALA C 148 -4.11 -24.19 4.09
C ALA C 148 -3.16 -23.85 5.21
N PHE C 149 -3.38 -24.38 6.41
CA PHE C 149 -2.73 -23.79 7.59
C PHE C 149 -1.91 -24.74 8.41
N SER C 150 -1.74 -25.93 7.86
CA SER C 150 -1.03 -26.96 8.55
C SER C 150 0.32 -26.46 9.04
N LYS C 151 0.99 -25.65 8.22
CA LYS C 151 2.34 -25.25 8.50
C LYS C 151 2.30 -24.27 9.63
N ASN C 152 1.25 -23.45 9.70
CA ASN C 152 1.10 -22.49 10.80
C ASN C 152 0.93 -23.28 12.07
N ILE C 153 0.06 -24.30 12.01
CA ILE C 153 -0.16 -25.19 13.15
C ILE C 153 1.17 -25.71 13.65
N LYS C 154 1.96 -26.24 12.75
CA LYS C 154 3.28 -26.76 13.11
C LYS C 154 4.23 -25.70 13.67
N LEU C 155 4.29 -24.51 13.08
CA LEU C 155 5.15 -23.48 13.60
C LEU C 155 4.65 -23.12 14.95
N GLY C 156 3.32 -23.00 15.09
CA GLY C 156 2.72 -22.84 16.41
C GLY C 156 3.27 -23.85 17.44
N VAL C 157 3.26 -25.13 17.10
CA VAL C 157 3.70 -26.14 18.05
C VAL C 157 5.14 -25.94 18.43
N HIS C 158 5.93 -25.54 17.45
CA HIS C 158 7.35 -25.22 17.68
C HIS C 158 7.58 -24.01 18.59
N GLU C 159 6.79 -22.97 18.39
CA GLU C 159 7.03 -21.70 18.99
C GLU C 159 6.38 -21.56 20.34
N ASP C 160 5.09 -21.90 20.43
CA ASP C 160 4.25 -21.62 21.58
C ASP C 160 4.40 -22.68 22.62
N THR C 161 4.86 -22.24 23.76
CA THR C 161 5.25 -23.17 24.78
C THR C 161 4.05 -23.57 25.63
N GLN C 162 3.09 -22.68 25.82
CA GLN C 162 1.86 -22.99 26.54
C GLN C 162 0.93 -23.89 25.74
N ASN C 163 0.61 -23.44 24.53
CA ASN C 163 -0.43 -24.05 23.71
C ASN C 163 0.14 -25.10 22.82
N ARG C 164 1.45 -25.22 22.83
CA ARG C 164 2.07 -26.37 22.23
C ARG C 164 1.17 -27.61 22.32
N ALA C 165 0.74 -27.94 23.53
CA ALA C 165 0.11 -29.25 23.83
C ALA C 165 -1.18 -29.45 23.08
N ALA C 166 -1.94 -28.36 23.01
CA ALA C 166 -3.24 -28.40 22.40
C ALA C 166 -3.11 -28.37 20.88
N LEU C 167 -2.15 -27.57 20.38
CA LEU C 167 -1.95 -27.44 18.93
C LEU C 167 -1.64 -28.80 18.29
N ALA C 168 -0.88 -29.61 19.02
CA ALA C 168 -0.54 -30.97 18.59
C ALA C 168 -1.77 -31.75 18.14
N LYS C 169 -2.84 -31.65 18.93
CA LYS C 169 -4.08 -32.36 18.69
C LYS C 169 -4.63 -32.06 17.32
N LEU C 170 -4.20 -30.95 16.72
CA LEU C 170 -4.69 -30.44 15.42
C LEU C 170 -3.81 -30.92 14.30
N LEU C 171 -2.61 -31.39 14.61
CA LEU C 171 -1.77 -32.02 13.58
C LEU C 171 -2.43 -33.26 12.95
N ARG C 172 -1.95 -33.61 11.74
CA ARG C 172 -2.45 -34.70 10.87
C ARG C 172 -1.36 -35.21 9.88
N TYR C 173 -1.25 -36.54 9.67
CA TYR C 173 -0.14 -37.13 8.88
C TYR C 173 -0.50 -38.43 8.21
N ASN C 174 0.19 -38.80 7.13
CA ASN C 174 -0.05 -40.19 6.66
C ASN C 174 0.80 -41.04 7.54
N SER C 175 0.56 -42.32 7.52
CA SER C 175 1.33 -43.25 8.32
C SER C 175 1.38 -44.61 7.62
N THR C 176 2.05 -45.57 8.24
CA THR C 176 2.03 -46.98 7.76
C THR C 176 0.63 -47.59 7.73
N LYS C 177 -0.13 -47.27 8.78
CA LYS C 177 -1.52 -47.73 8.96
C LYS C 177 -2.52 -46.72 8.36
N SER C 178 -2.03 -45.56 7.90
CA SER C 178 -2.88 -44.65 7.17
C SER C 178 -2.17 -44.16 5.92
N VAL C 179 -2.35 -44.90 4.84
CA VAL C 179 -1.58 -44.71 3.60
C VAL C 179 -2.12 -43.55 2.74
N ASP C 180 -3.42 -43.62 2.39
CA ASP C 180 -4.11 -42.53 1.67
C ASP C 180 -4.43 -41.40 2.65
N GLU C 181 -5.37 -41.69 3.53
CA GLU C 181 -5.90 -40.72 4.47
C GLU C 181 -4.88 -40.23 5.52
N LEU C 182 -5.15 -39.06 6.08
CA LEU C 182 -4.39 -38.47 7.17
C LEU C 182 -4.95 -38.97 8.50
N THR C 183 -4.06 -39.19 9.46
CA THR C 183 -4.45 -39.67 10.75
C THR C 183 -4.04 -38.64 11.82
N SER C 184 -4.72 -38.66 12.96
CA SER C 184 -4.38 -37.76 14.04
C SER C 184 -3.48 -38.47 15.04
N LEU C 185 -2.74 -37.68 15.80
CA LEU C 185 -1.95 -38.24 16.88
C LEU C 185 -2.81 -39.03 17.84
N THR C 186 -3.92 -38.45 18.26
CA THR C 186 -4.83 -39.08 19.19
C THR C 186 -5.23 -40.41 18.63
N ASP C 187 -5.43 -40.43 17.31
CA ASP C 187 -5.85 -41.67 16.60
C ASP C 187 -4.74 -42.73 16.64
N TYR C 188 -3.56 -42.29 16.20
CA TYR C 188 -2.36 -43.09 16.23
C TYR C 188 -2.26 -43.79 17.58
N VAL C 189 -2.50 -42.99 18.63
CA VAL C 189 -2.41 -43.47 20.01
C VAL C 189 -3.39 -44.61 20.33
N THR C 190 -4.58 -44.54 19.74
CA THR C 190 -5.55 -45.59 19.89
C THR C 190 -5.01 -46.85 19.25
N ARG C 191 -4.16 -46.57 18.18
CA ARG C 191 -3.76 -47.72 17.32
C ARG C 191 -2.67 -48.51 18.07
N MET C 192 -2.19 -47.76 19.14
CA MET C 192 -1.10 -48.53 19.96
C MET C 192 -1.67 -49.82 20.71
N PRO C 193 -0.94 -50.94 20.56
CA PRO C 193 -1.08 -52.06 21.44
C PRO C 193 -0.57 -51.72 22.81
N GLU C 194 -1.10 -52.44 23.81
CA GLU C 194 -0.75 -52.24 25.23
C GLU C 194 0.75 -51.99 25.53
N HIS C 195 1.64 -52.56 24.72
CA HIS C 195 3.06 -52.70 25.06
C HIS C 195 3.93 -51.72 24.26
N GLN C 196 3.40 -51.28 23.13
CA GLN C 196 4.04 -50.09 22.52
C GLN C 196 4.24 -49.02 23.55
N LYS C 197 5.38 -48.32 23.44
CA LYS C 197 5.84 -47.47 24.52
C LYS C 197 6.00 -46.12 23.94
N ASN C 198 6.34 -46.08 22.67
CA ASN C 198 6.59 -44.79 22.04
C ASN C 198 5.73 -44.64 20.82
N ILE C 199 5.84 -43.45 20.27
CA ILE C 199 5.14 -43.16 19.08
C ILE C 199 6.27 -43.06 18.09
N TYR C 200 6.10 -43.91 17.07
CA TYR C 200 7.12 -43.85 16.01
C TYR C 200 6.88 -42.85 14.79
N TYR C 201 7.93 -42.08 14.49
CA TYR C 201 7.75 -41.38 13.20
C TYR C 201 8.96 -41.56 12.32
N ILE C 202 8.93 -40.87 11.05
CA ILE C 202 10.13 -40.84 10.18
C ILE C 202 10.18 -39.57 9.35
N THR C 203 11.38 -39.01 9.32
CA THR C 203 11.62 -37.87 8.57
C THR C 203 12.26 -38.27 7.25
N GLY C 204 11.83 -37.61 6.17
CA GLY C 204 12.39 -37.80 4.81
C GLY C 204 11.87 -36.84 3.74
N GLU C 205 12.41 -36.94 2.53
CA GLU C 205 12.15 -36.01 1.47
C GLU C 205 10.67 -35.90 1.18
N SER C 206 10.07 -37.02 0.86
CA SER C 206 8.68 -37.06 0.45
C SER C 206 8.16 -38.34 0.96
N LEU C 207 6.87 -38.58 0.74
CA LEU C 207 6.25 -39.86 1.04
C LEU C 207 6.91 -40.99 0.22
N LYS C 208 6.99 -40.80 -1.10
CA LYS C 208 7.56 -41.82 -1.98
C LYS C 208 8.87 -42.34 -1.43
N ALA C 209 9.72 -41.41 -1.02
CA ALA C 209 11.07 -41.70 -0.58
C ALA C 209 11.09 -42.39 0.76
N VAL C 210 10.21 -41.93 1.63
CA VAL C 210 10.21 -42.32 3.02
C VAL C 210 9.66 -43.74 3.27
N GLU C 211 8.93 -44.28 2.32
CA GLU C 211 8.39 -45.60 2.52
C GLU C 211 9.45 -46.63 2.16
N LYS C 212 10.41 -46.24 1.33
CA LYS C 212 11.46 -47.18 0.91
C LYS C 212 12.53 -47.30 1.97
N SER C 213 12.33 -46.62 3.11
CA SER C 213 13.29 -46.71 4.19
C SER C 213 13.41 -48.15 4.68
N PRO C 214 14.66 -48.59 4.85
CA PRO C 214 14.92 -49.93 5.41
C PRO C 214 14.58 -49.96 6.91
N PHE C 215 14.39 -48.77 7.49
CA PHE C 215 14.14 -48.64 8.90
C PHE C 215 12.72 -49.02 9.30
N LEU C 216 11.82 -49.05 8.32
CA LEU C 216 10.45 -49.44 8.53
C LEU C 216 10.25 -50.91 8.83
N ASP C 217 11.03 -51.72 8.14
CA ASP C 217 10.79 -53.18 8.18
C ASP C 217 10.62 -53.71 9.62
N ALA C 218 11.43 -53.15 10.52
CA ALA C 218 11.53 -53.63 11.90
C ALA C 218 10.26 -53.36 12.67
N LEU C 219 9.74 -52.12 12.50
CA LEU C 219 8.51 -51.73 13.20
C LEU C 219 7.31 -52.46 12.67
N LYS C 220 7.29 -52.56 11.34
CA LYS C 220 6.23 -53.30 10.63
C LYS C 220 6.08 -54.66 11.22
N ALA C 221 7.16 -55.44 11.21
CA ALA C 221 7.21 -56.77 11.79
C ALA C 221 6.63 -56.86 13.22
N LYS C 222 6.93 -55.84 14.02
CA LYS C 222 6.47 -55.75 15.41
C LYS C 222 5.00 -55.26 15.43
N ASN C 223 4.58 -54.86 14.21
CA ASN C 223 3.27 -54.10 14.08
C ASN C 223 3.12 -52.66 14.70
N PHE C 224 4.15 -51.81 14.52
CA PHE C 224 3.87 -50.58 15.16
C PHE C 224 3.62 -49.49 14.01
N GLU C 225 2.71 -48.55 14.27
CA GLU C 225 2.51 -47.57 13.25
C GLU C 225 3.69 -46.60 13.19
N VAL C 226 4.13 -46.30 11.97
CA VAL C 226 5.06 -45.21 11.80
C VAL C 226 4.39 -44.09 11.00
N LEU C 227 4.62 -42.86 11.49
CA LEU C 227 4.05 -41.65 10.91
C LEU C 227 5.00 -41.15 9.84
N PHE C 228 4.50 -40.51 8.79
CA PHE C 228 5.45 -39.96 7.83
C PHE C 228 5.52 -38.44 7.93
N LEU C 229 6.71 -37.88 8.19
CA LEU C 229 6.84 -36.41 8.20
C LEU C 229 7.78 -35.88 7.13
N THR C 230 7.19 -35.42 6.04
CA THR C 230 7.96 -35.03 4.88
C THR C 230 8.25 -33.52 4.83
N ASP C 231 8.03 -32.83 5.93
CA ASP C 231 8.32 -31.43 5.92
C ASP C 231 9.30 -31.04 7.02
N PRO C 232 10.17 -30.09 6.73
CA PRO C 232 11.13 -29.70 7.76
C PRO C 232 10.55 -29.31 9.16
N ILE C 233 9.71 -28.25 9.23
CA ILE C 233 9.00 -28.03 10.55
C ILE C 233 8.46 -29.37 11.22
N ASP C 234 7.90 -30.30 10.42
CA ASP C 234 7.43 -31.57 11.06
C ASP C 234 8.35 -32.05 12.19
N GLU C 235 9.64 -32.01 11.86
CA GLU C 235 10.73 -32.22 12.81
C GLU C 235 10.92 -31.11 13.87
N TYR C 236 11.26 -29.89 13.46
CA TYR C 236 11.44 -28.83 14.45
C TYR C 236 10.24 -28.81 15.42
N ALA C 237 9.08 -29.32 14.97
CA ALA C 237 7.92 -29.32 15.83
C ALA C 237 8.07 -30.51 16.68
N PHE C 238 8.08 -31.71 16.10
CA PHE C 238 8.18 -32.90 16.95
C PHE C 238 9.31 -32.89 17.99
N THR C 239 10.50 -32.31 17.61
CA THR C 239 11.60 -32.38 18.53
C THR C 239 11.32 -31.42 19.67
N GLN C 240 10.26 -30.64 19.56
CA GLN C 240 10.07 -29.57 20.53
C GLN C 240 8.93 -29.97 21.45
N LEU C 241 8.01 -30.75 20.88
CA LEU C 241 6.87 -31.31 21.58
C LEU C 241 7.36 -32.41 22.54
N LYS C 242 8.32 -33.19 22.04
CA LYS C 242 9.04 -34.21 22.78
C LYS C 242 8.23 -35.47 23.03
N GLU C 243 6.93 -35.31 23.26
CA GLU C 243 6.01 -36.38 23.54
C GLU C 243 4.55 -35.95 23.47
N PHE C 244 3.68 -36.94 23.37
CA PHE C 244 2.28 -36.75 23.29
C PHE C 244 1.69 -37.64 24.42
N GLU C 245 2.05 -38.92 24.52
CA GLU C 245 1.82 -39.69 25.79
C GLU C 245 3.11 -40.38 26.14
N GLY C 246 3.36 -41.54 25.42
CA GLY C 246 4.77 -41.86 25.08
C GLY C 246 5.57 -40.67 24.40
N LYS C 247 6.90 -40.77 24.50
CA LYS C 247 7.87 -39.94 23.78
C LYS C 247 7.74 -40.22 22.30
N THR C 248 8.01 -39.18 21.50
CA THR C 248 7.89 -39.34 20.04
C THR C 248 9.29 -39.57 19.47
N LEU C 249 9.46 -40.55 18.56
CA LEU C 249 10.82 -40.71 17.99
C LEU C 249 10.95 -41.19 16.57
N VAL C 250 11.81 -40.43 15.82
CA VAL C 250 12.30 -40.74 14.46
C VAL C 250 12.96 -42.05 14.67
N ASP C 251 12.79 -42.96 13.71
CA ASP C 251 13.45 -44.24 13.78
C ASP C 251 14.62 -44.22 12.84
N ILE C 252 14.99 -43.00 12.36
CA ILE C 252 16.20 -42.88 11.56
C ILE C 252 17.30 -42.51 12.50
N THR C 253 16.94 -42.40 13.78
CA THR C 253 17.89 -42.04 14.85
C THR C 253 17.98 -43.20 15.85
N LYS C 254 18.89 -43.06 16.81
CA LYS C 254 19.15 -44.05 17.83
C LYS C 254 17.88 -44.31 18.59
N ASP C 255 17.30 -45.46 18.30
CA ASP C 255 16.02 -45.96 18.78
C ASP C 255 16.36 -46.76 20.03
N PHE C 256 15.39 -47.50 20.55
CA PHE C 256 15.62 -48.64 21.48
C PHE C 256 14.25 -49.23 21.79
N GLU C 257 13.85 -50.34 21.13
CA GLU C 257 12.46 -50.78 21.33
C GLU C 257 12.23 -52.19 21.81
N LEU C 258 11.19 -52.24 22.64
CA LEU C 258 10.44 -53.43 23.08
C LEU C 258 11.14 -54.75 23.18
N GLU C 259 11.44 -55.15 24.41
CA GLU C 259 11.75 -56.53 24.85
C GLU C 259 12.39 -57.46 23.79
N GLU C 260 12.09 -57.17 22.51
CA GLU C 260 12.47 -57.89 21.27
C GLU C 260 12.07 -59.37 21.20
N THR C 261 11.01 -59.70 21.95
CA THR C 261 10.85 -60.99 22.64
C THR C 261 12.01 -61.02 23.70
N ASP C 262 11.66 -60.85 24.99
CA ASP C 262 12.62 -61.01 26.13
C ASP C 262 13.59 -62.19 26.06
N GLU C 263 13.15 -63.24 25.36
CA GLU C 263 14.01 -64.31 24.88
C GLU C 263 15.22 -63.78 24.13
N GLU C 264 14.95 -62.88 23.18
CA GLU C 264 15.98 -62.32 22.28
C GLU C 264 16.83 -61.40 23.12
N LYS C 265 16.16 -60.64 23.98
CA LYS C 265 16.84 -59.87 25.00
C LYS C 265 17.97 -60.69 25.62
N ALA C 266 17.72 -61.98 25.82
CA ALA C 266 18.69 -62.89 26.45
C ALA C 266 19.91 -63.24 25.59
N GLU C 267 19.66 -63.75 24.40
CA GLU C 267 20.72 -64.29 23.55
C GLU C 267 21.47 -63.21 22.81
N ARG C 268 20.92 -62.01 22.85
CA ARG C 268 21.52 -60.87 22.17
C ARG C 268 22.89 -60.55 22.75
N GLU C 269 23.00 -60.36 24.07
CA GLU C 269 24.28 -60.00 24.69
C GLU C 269 25.32 -61.04 24.38
N LYS C 270 24.89 -62.31 24.41
CA LYS C 270 25.75 -63.43 24.03
C LYS C 270 26.31 -63.17 22.63
N GLU C 271 25.43 -62.87 21.68
CA GLU C 271 25.89 -62.57 20.34
C GLU C 271 26.69 -61.28 20.28
N ILE C 272 26.09 -60.16 20.69
CA ILE C 272 26.74 -58.84 20.63
C ILE C 272 28.21 -58.92 21.06
N LYS C 273 28.46 -59.64 22.15
CA LYS C 273 29.80 -59.83 22.62
C LYS C 273 30.63 -60.56 21.57
N GLU C 274 30.07 -61.60 20.96
CA GLU C 274 30.80 -62.32 19.93
C GLU C 274 31.30 -61.36 18.88
N TYR C 275 30.53 -60.33 18.62
CA TYR C 275 30.87 -59.50 17.51
C TYR C 275 31.80 -58.37 17.89
N GLU C 276 32.00 -58.19 19.19
CA GLU C 276 32.79 -57.08 19.69
C GLU C 276 34.09 -56.86 18.89
N PRO C 277 34.90 -57.93 18.70
CA PRO C 277 36.17 -57.72 18.01
C PRO C 277 36.01 -57.35 16.52
N LEU C 278 34.82 -57.54 15.96
CA LEU C 278 34.57 -57.12 14.62
C LEU C 278 34.31 -55.64 14.75
N THR C 279 33.33 -55.33 15.59
CA THR C 279 32.94 -53.96 15.90
C THR C 279 34.17 -53.06 15.97
N LYS C 280 35.14 -53.42 16.80
CA LYS C 280 36.31 -52.57 16.98
C LYS C 280 37.05 -52.48 15.66
N ALA C 281 37.12 -53.60 14.95
CA ALA C 281 37.94 -53.70 13.76
C ALA C 281 37.42 -52.77 12.70
N LEU C 282 36.12 -52.86 12.43
CA LEU C 282 35.48 -52.02 11.44
C LEU C 282 35.65 -50.56 11.77
N LYS C 283 35.53 -50.21 13.05
CA LYS C 283 35.71 -48.82 13.47
C LYS C 283 37.12 -48.30 13.23
N GLU C 284 38.11 -49.20 13.35
CA GLU C 284 39.51 -48.91 13.09
C GLU C 284 39.74 -48.49 11.64
N ILE C 285 38.93 -49.03 10.75
CA ILE C 285 39.02 -48.71 9.33
C ILE C 285 38.35 -47.37 9.05
N LEU C 286 37.09 -47.27 9.46
CA LEU C 286 36.26 -46.09 9.23
C LEU C 286 36.78 -44.84 9.92
N GLY C 287 37.47 -45.00 11.04
CA GLY C 287 38.16 -43.88 11.68
C GLY C 287 37.16 -42.86 12.17
N ASP C 288 37.23 -41.64 11.64
CA ASP C 288 36.36 -40.55 12.07
C ASP C 288 35.10 -40.34 11.25
N GLN C 289 35.01 -40.91 10.04
CA GLN C 289 33.78 -40.83 9.25
C GLN C 289 32.56 -41.36 10.03
N VAL C 290 32.81 -42.16 11.07
CA VAL C 290 31.77 -42.66 11.96
C VAL C 290 32.03 -42.32 13.42
N GLU C 291 30.98 -42.35 14.23
CA GLU C 291 31.10 -42.13 15.65
C GLU C 291 31.31 -43.46 16.30
N LYS C 292 30.57 -44.48 15.87
CA LYS C 292 30.73 -45.85 16.34
C LYS C 292 30.09 -46.91 15.46
N VAL C 293 30.63 -48.11 15.50
CA VAL C 293 30.05 -49.25 14.82
C VAL C 293 29.30 -50.05 15.83
N VAL C 294 28.09 -50.46 15.51
CA VAL C 294 27.33 -51.31 16.41
C VAL C 294 26.57 -52.45 15.72
N VAL C 295 26.11 -53.41 16.51
CA VAL C 295 25.30 -54.52 16.03
C VAL C 295 23.83 -54.18 16.22
N SER C 296 23.02 -54.37 15.19
CA SER C 296 21.59 -54.04 15.32
C SER C 296 20.69 -55.20 15.05
N TYR C 297 19.63 -55.30 15.83
CA TYR C 297 18.60 -56.27 15.54
C TYR C 297 17.43 -55.52 14.97
N LYS C 298 17.53 -54.19 15.02
CA LYS C 298 16.54 -53.32 14.36
C LYS C 298 16.79 -53.21 12.86
N LEU C 299 17.62 -54.09 12.35
CA LEU C 299 17.97 -54.08 10.96
C LEU C 299 17.73 -55.45 10.42
N LEU C 300 16.82 -55.57 9.47
CA LEU C 300 16.50 -56.88 8.86
C LEU C 300 17.03 -57.01 7.40
N ASP C 301 17.52 -58.22 7.04
CA ASP C 301 17.98 -58.57 5.66
C ASP C 301 18.71 -57.41 4.91
N ALA C 302 19.68 -56.78 5.58
CA ALA C 302 20.53 -55.78 4.97
C ALA C 302 21.81 -55.75 5.77
N PRO C 303 22.97 -55.84 5.09
CA PRO C 303 24.21 -55.99 5.81
C PRO C 303 24.35 -54.95 6.90
N ALA C 304 24.26 -53.70 6.49
CA ALA C 304 24.64 -52.57 7.30
C ALA C 304 23.68 -51.46 7.05
N ALA C 305 23.66 -50.45 7.93
CA ALA C 305 22.91 -49.20 7.71
C ALA C 305 23.50 -48.10 8.58
N ILE C 306 23.00 -46.87 8.42
CA ILE C 306 23.45 -45.74 9.20
C ILE C 306 22.32 -45.00 9.92
N ARG C 307 22.50 -44.77 11.20
CA ARG C 307 21.56 -44.02 12.02
C ARG C 307 22.27 -42.84 12.60
N THR C 308 21.69 -41.67 12.42
CA THR C 308 22.21 -40.50 13.06
C THR C 308 21.89 -40.63 14.52
N GLY C 309 22.69 -39.99 15.35
CA GLY C 309 22.41 -39.94 16.75
C GLY C 309 21.06 -39.32 16.95
N GLN C 310 20.32 -39.84 17.92
CA GLN C 310 19.16 -39.12 18.47
C GLN C 310 19.66 -37.82 19.12
N PHE C 311 18.77 -36.87 19.36
CA PHE C 311 19.18 -35.55 19.83
C PHE C 311 20.10 -34.86 18.81
N GLY C 312 19.71 -34.96 17.53
CA GLY C 312 20.45 -34.34 16.45
C GLY C 312 19.66 -34.45 15.17
N TRP C 313 19.85 -33.47 14.31
CA TRP C 313 19.06 -33.33 13.10
C TRP C 313 19.18 -34.52 12.18
N SER C 314 18.01 -34.96 11.72
CA SER C 314 17.85 -36.19 11.00
C SER C 314 18.64 -36.23 9.72
N ALA C 315 18.98 -37.44 9.27
CA ALA C 315 19.50 -37.63 7.94
C ALA C 315 18.78 -36.68 6.93
N ASN C 316 17.44 -36.71 7.01
CA ASN C 316 16.63 -35.95 6.10
C ASN C 316 17.00 -34.48 6.13
N MET C 317 17.38 -34.00 7.30
CA MET C 317 17.72 -32.58 7.51
C MET C 317 19.11 -32.22 6.95
N GLU C 318 20.09 -33.09 7.20
CA GLU C 318 21.43 -33.05 6.57
C GLU C 318 21.41 -32.97 5.05
N ARG C 319 20.72 -33.93 4.46
CA ARG C 319 20.40 -33.95 3.05
C ARG C 319 20.12 -32.58 2.52
N ILE C 320 19.46 -31.78 3.35
CA ILE C 320 19.03 -30.42 3.01
C ILE C 320 20.07 -29.36 3.35
N MET C 321 20.63 -29.40 4.55
CA MET C 321 21.67 -28.43 4.93
C MET C 321 22.90 -28.71 4.06
N LYS C 322 23.02 -29.90 3.51
CA LYS C 322 24.20 -30.26 2.74
C LYS C 322 24.06 -29.93 1.27
N ALA C 323 22.89 -30.18 0.74
CA ALA C 323 22.62 -29.84 -0.63
C ALA C 323 22.82 -28.34 -0.88
N GLN C 324 22.74 -27.53 0.18
CA GLN C 324 22.96 -26.09 0.09
C GLN C 324 24.40 -25.69 -0.12
N ALA C 325 25.31 -26.30 0.62
CA ALA C 325 26.69 -25.92 0.50
C ALA C 325 27.18 -26.27 -0.89
N LEU C 326 26.46 -27.22 -1.49
CA LEU C 326 26.75 -27.67 -2.84
C LEU C 326 26.00 -26.83 -3.88
N ARG C 327 25.68 -25.60 -3.50
CA ARG C 327 25.09 -24.56 -4.37
C ARG C 327 25.82 -23.29 -4.03
N ASP C 328 26.35 -23.26 -2.81
CA ASP C 328 27.10 -22.16 -2.29
C ASP C 328 28.60 -22.45 -2.32
N SER C 329 29.29 -21.63 -3.10
CA SER C 329 30.74 -21.72 -3.24
C SER C 329 31.49 -20.82 -2.24
N SER C 330 30.76 -20.19 -1.33
CA SER C 330 31.40 -19.65 -0.15
C SER C 330 30.90 -20.57 0.93
N MET C 331 31.47 -21.77 1.00
CA MET C 331 30.94 -22.79 1.86
C MET C 331 31.93 -23.88 2.19
N SER C 332 31.79 -25.00 1.47
CA SER C 332 32.52 -26.27 1.69
C SER C 332 32.00 -27.13 2.85
N SER C 333 31.38 -26.48 3.86
CA SER C 333 31.03 -27.17 5.12
C SER C 333 29.57 -27.16 5.56
N TYR C 334 29.17 -28.25 6.23
CA TYR C 334 27.80 -28.50 6.75
C TYR C 334 27.68 -29.02 8.17
N MET C 335 26.51 -28.71 8.71
CA MET C 335 25.95 -29.38 9.85
C MET C 335 25.70 -30.88 9.52
N SER C 336 26.77 -31.69 9.59
CA SER C 336 26.60 -33.13 9.59
C SER C 336 26.02 -33.44 10.97
N SER C 337 25.75 -34.71 11.22
CA SER C 337 25.38 -35.12 12.56
C SER C 337 26.30 -36.27 12.92
N LYS C 338 26.11 -36.87 14.10
CA LYS C 338 26.92 -38.02 14.44
C LYS C 338 26.31 -39.29 13.81
N LYS C 339 27.17 -40.06 13.15
CA LYS C 339 26.74 -41.23 12.41
C LYS C 339 27.07 -42.55 13.12
N THR C 340 26.08 -43.43 13.17
CA THR C 340 26.29 -44.72 13.81
C THR C 340 26.15 -45.84 12.80
N PHE C 341 27.22 -46.59 12.58
CA PHE C 341 27.25 -47.61 11.57
C PHE C 341 26.75 -48.96 12.07
N GLU C 342 25.63 -49.41 11.55
CA GLU C 342 24.93 -50.54 12.09
C GLU C 342 25.18 -51.83 11.31
N ILE C 343 25.45 -52.92 12.03
CA ILE C 343 25.76 -54.22 11.44
C ILE C 343 24.68 -55.29 11.74
N SER C 344 24.17 -55.94 10.71
CA SER C 344 23.20 -57.04 10.92
C SER C 344 23.82 -58.45 10.86
N PRO C 345 23.85 -59.14 12.01
CA PRO C 345 24.52 -60.44 12.12
C PRO C 345 23.81 -61.55 11.37
N LYS C 346 22.52 -61.35 11.15
CA LYS C 346 21.72 -62.20 10.29
C LYS C 346 22.15 -62.15 8.81
N SER C 347 22.75 -61.06 8.37
CA SER C 347 23.22 -61.02 6.99
C SER C 347 24.55 -61.76 6.83
N PRO C 348 24.56 -62.74 5.92
CA PRO C 348 25.68 -63.65 5.73
C PRO C 348 26.96 -62.87 5.46
N ILE C 349 26.82 -61.73 4.78
CA ILE C 349 27.91 -60.84 4.42
C ILE C 349 28.68 -60.43 5.67
N ILE C 350 27.93 -60.22 6.74
CA ILE C 350 28.51 -59.87 8.01
C ILE C 350 29.15 -61.11 8.63
N LYS C 351 28.36 -62.16 8.82
CA LYS C 351 28.90 -63.44 9.33
C LYS C 351 30.30 -63.73 8.78
N GLU C 352 30.47 -63.46 7.49
CA GLU C 352 31.70 -63.69 6.73
C GLU C 352 32.84 -62.76 7.16
N LEU C 353 32.54 -61.45 7.28
CA LEU C 353 33.53 -60.48 7.73
C LEU C 353 34.02 -60.79 9.14
N LYS C 354 33.14 -61.26 10.02
CA LYS C 354 33.57 -61.77 11.31
C LYS C 354 34.55 -62.92 11.13
N LYS C 355 34.26 -63.83 10.20
CA LYS C 355 35.12 -64.98 9.97
C LYS C 355 36.54 -64.50 9.67
N ARG C 356 36.67 -63.56 8.74
CA ARG C 356 37.98 -63.14 8.31
C ARG C 356 38.76 -62.44 9.42
N VAL C 357 38.04 -61.77 10.31
CA VAL C 357 38.61 -61.09 11.47
C VAL C 357 39.02 -62.06 12.57
N ASP C 358 38.16 -63.03 12.84
CA ASP C 358 38.46 -64.16 13.73
C ASP C 358 39.53 -65.07 13.12
N GLU C 359 40.24 -64.55 12.12
CA GLU C 359 41.30 -65.27 11.41
C GLU C 359 42.43 -64.32 11.02
N GLY C 360 42.73 -63.39 11.93
CA GLY C 360 43.83 -62.42 11.78
C GLY C 360 43.63 -61.40 10.69
N GLY C 361 42.62 -61.60 9.86
CA GLY C 361 42.37 -60.72 8.75
C GLY C 361 41.81 -59.38 9.18
N ALA C 362 42.33 -58.85 10.28
CA ALA C 362 41.90 -57.56 10.81
C ALA C 362 42.30 -56.37 9.92
N GLN C 363 43.35 -56.54 9.11
CA GLN C 363 43.82 -55.47 8.20
C GLN C 363 44.11 -55.95 6.76
N ASP C 364 43.25 -56.82 6.24
CA ASP C 364 43.29 -57.19 4.84
C ASP C 364 42.80 -56.06 3.95
N LYS C 365 43.56 -55.74 2.91
CA LYS C 365 43.11 -54.82 1.87
C LYS C 365 41.73 -55.24 1.41
N THR C 366 41.49 -56.55 1.35
CA THR C 366 40.19 -57.11 1.00
C THR C 366 39.07 -56.75 2.02
N VAL C 367 39.38 -56.94 3.30
CA VAL C 367 38.45 -56.63 4.40
C VAL C 367 38.29 -55.12 4.57
N LYS C 368 39.35 -54.38 4.29
CA LYS C 368 39.29 -52.94 4.31
C LYS C 368 38.32 -52.46 3.23
N ASP C 369 38.53 -52.97 2.02
CA ASP C 369 37.75 -52.55 0.88
C ASP C 369 36.29 -52.87 1.04
N LEU C 370 35.99 -54.02 1.64
CA LEU C 370 34.64 -54.46 1.82
C LEU C 370 33.88 -53.60 2.81
N THR C 371 34.48 -53.40 3.98
CA THR C 371 34.05 -52.42 4.98
C THR C 371 33.76 -51.07 4.32
N LYS C 372 34.80 -50.46 3.77
CA LYS C 372 34.70 -49.16 3.19
C LYS C 372 33.49 -49.13 2.26
N LEU C 373 33.41 -50.11 1.37
CA LEU C 373 32.32 -50.18 0.42
C LEU C 373 30.96 -50.38 1.08
N LEU C 374 30.90 -51.22 2.10
CA LEU C 374 29.65 -51.44 2.79
C LEU C 374 29.13 -50.20 3.43
N TYR C 375 30.07 -49.36 3.84
CA TYR C 375 29.80 -48.11 4.48
C TYR C 375 29.20 -47.15 3.48
N GLU C 376 29.92 -46.92 2.40
CA GLU C 376 29.46 -45.99 1.38
C GLU C 376 28.06 -46.36 0.95
N THR C 377 27.81 -47.66 0.78
CA THR C 377 26.49 -48.16 0.44
C THR C 377 25.45 -47.82 1.46
N ALA C 378 25.77 -48.04 2.73
CA ALA C 378 24.89 -47.66 3.80
C ALA C 378 24.40 -46.19 3.66
N LEU C 379 25.33 -45.22 3.53
CA LEU C 379 24.99 -43.84 3.22
C LEU C 379 23.91 -43.71 2.12
N LEU C 380 24.08 -44.43 1.02
CA LEU C 380 23.10 -44.42 -0.06
C LEU C 380 21.81 -44.97 0.48
N THR C 381 21.82 -46.23 0.90
CA THR C 381 20.62 -46.89 1.42
C THR C 381 19.88 -46.06 2.46
N SER C 382 20.64 -45.51 3.38
CA SER C 382 20.09 -44.75 4.50
C SER C 382 19.78 -43.28 4.13
N GLY C 383 19.76 -43.00 2.84
CA GLY C 383 19.47 -41.67 2.33
C GLY C 383 20.51 -40.61 2.67
N PHE C 384 21.73 -40.83 2.21
CA PHE C 384 22.78 -39.85 2.33
C PHE C 384 23.47 -39.79 0.99
N SER C 385 24.14 -38.67 0.70
CA SER C 385 25.13 -38.61 -0.36
C SER C 385 26.42 -39.16 0.24
N LEU C 386 27.28 -39.70 -0.61
CA LEU C 386 28.50 -40.39 -0.15
C LEU C 386 29.72 -39.48 -0.08
N ASP C 387 30.89 -40.10 -0.09
CA ASP C 387 32.15 -39.37 -0.08
C ASP C 387 33.04 -39.57 -1.31
N GLU C 388 32.77 -38.71 -2.31
CA GLU C 388 33.65 -38.46 -3.46
C GLU C 388 33.50 -39.54 -4.51
N PRO C 389 33.69 -39.15 -5.77
CA PRO C 389 33.42 -40.10 -6.83
C PRO C 389 34.50 -41.16 -6.76
N THR C 390 35.67 -40.78 -7.29
CA THR C 390 36.91 -41.53 -7.27
C THR C 390 36.82 -42.73 -6.36
N SER C 391 37.18 -42.50 -5.11
CA SER C 391 37.25 -43.56 -4.15
C SER C 391 36.20 -44.64 -4.48
N PHE C 392 34.96 -44.19 -4.69
CA PHE C 392 33.81 -45.08 -4.77
C PHE C 392 33.77 -45.87 -6.05
N ALA C 393 34.02 -45.15 -7.14
CA ALA C 393 34.15 -45.77 -8.45
C ALA C 393 35.15 -46.89 -8.29
N SER C 394 36.39 -46.50 -8.05
CA SER C 394 37.47 -47.44 -7.88
C SER C 394 36.97 -48.68 -7.15
N ARG C 395 36.48 -48.52 -5.92
CA ARG C 395 36.09 -49.68 -5.11
C ARG C 395 35.24 -50.70 -5.85
N ILE C 396 34.33 -50.20 -6.68
CA ILE C 396 33.35 -51.06 -7.32
C ILE C 396 34.01 -51.84 -8.46
N ASN C 397 34.70 -51.14 -9.33
CA ASN C 397 35.35 -51.78 -10.45
C ASN C 397 36.17 -52.99 -9.98
N ARG C 398 36.87 -52.82 -8.87
CA ARG C 398 37.68 -53.88 -8.30
C ARG C 398 36.83 -55.01 -7.78
N LEU C 399 35.64 -54.66 -7.30
CA LEU C 399 34.69 -55.68 -6.85
C LEU C 399 34.26 -56.51 -8.05
N ILE C 400 34.01 -55.83 -9.17
CA ILE C 400 33.49 -56.49 -10.38
C ILE C 400 34.45 -57.53 -10.88
N SER C 401 35.63 -57.07 -11.29
CA SER C 401 36.71 -57.94 -11.78
C SER C 401 36.99 -59.04 -10.76
N LEU C 402 37.50 -58.68 -9.58
CA LEU C 402 37.89 -59.64 -8.54
C LEU C 402 36.75 -60.58 -8.10
N GLY C 403 35.51 -60.11 -8.23
CA GLY C 403 34.36 -61.00 -8.17
C GLY C 403 33.93 -61.59 -9.51
N LEU C 404 34.85 -61.65 -10.50
CA LEU C 404 34.54 -62.17 -11.85
C LEU C 404 35.75 -62.55 -12.68
N ASN C 405 36.77 -61.69 -12.61
CA ASN C 405 38.09 -61.80 -13.30
C ASN C 405 38.66 -63.20 -13.53
#